data_6SVY
#
_entry.id   6SVY
#
_cell.length_a   108.164
_cell.length_b   108.164
_cell.length_c   112.955
_cell.angle_alpha   90.000
_cell.angle_beta   90.000
_cell.angle_gamma   120.000
#
_symmetry.space_group_name_H-M   'P 32 2 1'
#
loop_
_entity.id
_entity.type
_entity.pdbx_description
1 polymer Neprilysin
2 non-polymer 'ZINC ION'
3 non-polymer Sampatrilat-Asp
4 non-polymer 2-acetamido-2-deoxy-beta-D-glucopyranose
5 water water
#
_entity_poly.entity_id   1
_entity_poly.type   'polypeptide(L)'
_entity_poly.pdbx_seq_one_letter_code
;YDDGICKSSDCIKSAARLIQNMDATTEPCTDFFKYACGGWLKRNVIPETSSRYGNFDILRDELEVVLKDVLQEPKTEDIV
AVQKAKALYRSCINESAIDSRGGEPLLKLLPDIYGWPVATENWEQKYGASWTAEKAIAQLNSKYGKKVLINLFVGTDDKN
SVNHVIHIDQPRLGLPSRDYYECTGIYKEACTAYVDFMISVARLIRQEERLPIDENQLALEMNKVMELEKEIANATAKPE
DRNDPMLLYNKMTLAQIQNNFSLEINGKPFSWLNFTNEIMSTVNISITNEEDVVVYAPEYLTKLKPILTKYSARDLQNLM
SWRFIMDLVSSLSRTYKESRNAFRKALYGTTSETATWRRCANYVNGNMENAVGRLYVEAAFAGESKHVVEDLIAQIREVF
IQTLDDLTWMDAETKKRAEEKALAIKERIGYPDDIVSNDNKLNNEYLELNYKEDEYFENIIQNLKFSQSKQLKKLREKVD
KDEWISGAAVVNAFYSSGRNQIVFPAGILQPPFFSAQQSNSLNYGGIGMVIGHEITHGFDDNGRNFNKDGDLVDWWTQQS
ASNFKEQSQCMVYQYGNFSWDLAGGQHLNGINTLGENIADNGGLGQAYRAYQNYIKKNGEEKLLPGLDLNHKQLFFLNFA
QVWCGTYRPEYAVNSIKTDVHSPGNFRIIGTLQNSAEFSEAFHCRKNSYMNPEKKCRVW
;
_entity_poly.pdbx_strand_id   A
#
# COMPACT_ATOMS: atom_id res chain seq x y z
N ASP A 3 -5.93 45.59 13.42
CA ASP A 3 -5.89 45.37 11.98
C ASP A 3 -6.60 44.06 11.63
N GLY A 4 -6.28 43.02 12.38
CA GLY A 4 -6.90 41.72 12.18
C GLY A 4 -6.15 40.75 11.31
N ILE A 5 -4.86 40.96 11.08
CA ILE A 5 -4.05 40.10 10.22
C ILE A 5 -3.00 39.43 11.09
N CYS A 6 -2.89 38.10 10.98
CA CYS A 6 -1.85 37.37 11.69
C CYS A 6 -0.50 37.62 11.04
N LYS A 7 0.52 37.86 11.87
CA LYS A 7 1.87 38.16 11.39
C LYS A 7 2.92 37.33 12.12
N SER A 8 2.58 36.10 12.49
CA SER A 8 3.52 35.24 13.19
C SER A 8 4.44 34.53 12.20
N SER A 9 5.47 33.87 12.73
CA SER A 9 6.37 33.11 11.88
C SER A 9 5.66 31.96 11.19
N ASP A 10 4.68 31.35 11.86
CA ASP A 10 3.96 30.22 11.27
C ASP A 10 2.87 30.67 10.32
N CYS A 11 2.22 31.81 10.60
CA CYS A 11 1.27 32.36 9.64
C CYS A 11 1.96 32.77 8.35
N ILE A 12 3.21 33.24 8.42
CA ILE A 12 3.92 33.68 7.23
C ILE A 12 4.40 32.49 6.41
N LYS A 13 4.89 31.44 7.07
CA LYS A 13 5.29 30.24 6.35
C LYS A 13 4.11 29.64 5.58
N SER A 14 2.93 29.60 6.22
CA SER A 14 1.75 29.06 5.57
C SER A 14 1.37 29.90 4.36
N ALA A 15 1.24 31.21 4.54
CA ALA A 15 0.82 32.08 3.44
C ALA A 15 1.77 31.96 2.26
N ALA A 16 3.08 32.00 2.53
CA ALA A 16 4.05 31.86 1.45
C ALA A 16 3.87 30.54 0.71
N ARG A 17 3.74 29.45 1.46
CA ARG A 17 3.52 28.14 0.84
C ARG A 17 2.22 28.11 0.06
N LEU A 18 1.16 28.70 0.61
CA LEU A 18 -0.13 28.72 -0.07
C LEU A 18 -0.06 29.53 -1.36
N ILE A 19 0.59 30.68 -1.33
CA ILE A 19 0.63 31.56 -2.50
C ILE A 19 1.54 30.97 -3.58
N GLN A 20 2.68 30.42 -3.18
CA GLN A 20 3.62 29.89 -4.16
C GLN A 20 3.05 28.69 -4.90
N ASN A 21 2.16 27.93 -4.27
CA ASN A 21 1.61 26.73 -4.89
C ASN A 21 0.41 27.00 -5.79
N MET A 22 -0.32 28.10 -5.56
CA MET A 22 -1.58 28.33 -6.25
C MET A 22 -1.37 29.11 -7.54
N ASP A 23 -2.47 29.25 -8.28
CA ASP A 23 -2.50 30.03 -9.52
C ASP A 23 -3.80 30.82 -9.53
N ALA A 24 -3.72 32.09 -9.13
CA ALA A 24 -4.91 32.91 -8.98
C ALA A 24 -5.49 33.38 -10.31
N THR A 25 -4.78 33.21 -11.42
CA THR A 25 -5.29 33.59 -12.73
C THR A 25 -6.32 32.61 -13.27
N THR A 26 -6.53 31.48 -12.60
CA THR A 26 -7.57 30.53 -12.97
C THR A 26 -8.79 30.74 -12.09
N GLU A 27 -9.97 30.54 -12.67
CA GLU A 27 -11.22 30.74 -11.94
C GLU A 27 -11.46 29.56 -11.02
N PRO A 28 -11.58 29.76 -9.70
CA PRO A 28 -11.77 28.62 -8.79
C PRO A 28 -12.91 27.70 -9.19
N CYS A 29 -13.94 28.20 -9.86
CA CYS A 29 -15.12 27.41 -10.18
C CYS A 29 -15.03 26.71 -11.53
N THR A 30 -13.97 26.94 -12.29
CA THR A 30 -13.76 26.25 -13.56
C THR A 30 -12.86 25.03 -13.40
N ASP A 31 -11.85 25.14 -12.53
CA ASP A 31 -10.91 24.05 -12.30
C ASP A 31 -10.12 24.34 -11.01
N PHE A 32 -10.60 23.80 -9.89
CA PHE A 32 -9.97 24.15 -8.61
C PHE A 32 -8.60 23.49 -8.45
N PHE A 33 -8.38 22.35 -9.10
CA PHE A 33 -7.07 21.74 -9.09
C PHE A 33 -6.02 22.69 -9.66
N LYS A 34 -6.32 23.31 -10.81
CA LYS A 34 -5.39 24.28 -11.39
C LYS A 34 -5.30 25.54 -10.55
N TYR A 35 -6.40 25.93 -9.90
CA TYR A 35 -6.39 27.12 -9.06
C TYR A 35 -5.52 26.92 -7.82
N ALA A 36 -5.54 25.72 -7.25
CA ALA A 36 -4.83 25.45 -6.00
C ALA A 36 -3.42 24.92 -6.22
N CYS A 37 -3.12 24.38 -7.41
CA CYS A 37 -1.84 23.73 -7.64
C CYS A 37 -1.12 24.23 -8.89
N GLY A 38 -1.73 25.12 -9.67
CA GLY A 38 -1.07 25.58 -10.89
C GLY A 38 0.29 26.16 -10.63
N GLY A 39 0.43 26.94 -9.56
CA GLY A 39 1.74 27.48 -9.22
C GLY A 39 2.77 26.40 -9.01
N TRP A 40 2.37 25.31 -8.35
CA TRP A 40 3.32 24.24 -8.05
C TRP A 40 3.66 23.43 -9.31
N LEU A 41 2.67 23.17 -10.15
CA LEU A 41 2.91 22.38 -11.35
C LEU A 41 3.91 23.07 -12.28
N LYS A 42 3.82 24.39 -12.39
CA LYS A 42 4.72 25.11 -13.29
C LYS A 42 6.14 25.14 -12.73
N ARG A 43 6.28 25.26 -11.41
CA ARG A 43 7.61 25.32 -10.81
C ARG A 43 8.35 24.00 -10.94
N ASN A 44 7.64 22.88 -10.79
CA ASN A 44 8.28 21.59 -10.61
C ASN A 44 8.21 20.74 -11.87
N VAL A 45 9.10 19.75 -11.91
CA VAL A 45 9.10 18.70 -12.92
C VAL A 45 9.40 17.39 -12.19
N ILE A 46 8.81 16.31 -12.66
CA ILE A 46 9.00 15.03 -11.96
C ILE A 46 10.47 14.65 -12.00
N PRO A 47 11.07 14.25 -10.88
CA PRO A 47 12.46 13.76 -10.92
C PRO A 47 12.58 12.49 -11.75
N GLU A 48 13.79 12.28 -12.27
CA GLU A 48 14.06 11.09 -13.07
C GLU A 48 13.91 9.80 -12.26
N THR A 49 14.01 9.89 -10.94
CA THR A 49 13.89 8.73 -10.06
C THR A 49 12.48 8.54 -9.52
N SER A 50 11.54 9.41 -9.89
CA SER A 50 10.18 9.38 -9.36
C SER A 50 9.20 9.05 -10.48
N SER A 51 8.31 8.10 -10.21
CA SER A 51 7.18 7.86 -11.09
C SER A 51 6.02 8.81 -10.80
N ARG A 52 6.00 9.40 -9.61
CA ARG A 52 4.92 10.23 -9.13
C ARG A 52 5.52 11.30 -8.23
N TYR A 53 4.97 12.50 -8.29
CA TYR A 53 5.56 13.61 -7.53
C TYR A 53 4.46 14.56 -7.09
N GLY A 54 4.54 14.98 -5.84
CA GLY A 54 3.55 15.89 -5.28
C GLY A 54 3.90 16.27 -3.87
N ASN A 55 2.91 16.81 -3.16
CA ASN A 55 3.12 17.22 -1.77
C ASN A 55 3.52 16.03 -0.90
N PHE A 56 2.80 14.91 -1.05
CA PHE A 56 3.12 13.72 -0.26
C PHE A 56 4.55 13.25 -0.55
N ASP A 57 4.92 13.19 -1.83
CA ASP A 57 6.23 12.67 -2.18
C ASP A 57 7.36 13.57 -1.70
N ILE A 58 7.12 14.88 -1.62
CA ILE A 58 8.14 15.79 -1.11
C ILE A 58 8.35 15.57 0.38
N LEU A 59 7.26 15.48 1.15
CA LEU A 59 7.37 15.23 2.58
C LEU A 59 8.03 13.89 2.86
N ARG A 60 7.86 12.91 1.98
CA ARG A 60 8.49 11.61 2.18
C ARG A 60 9.99 11.68 1.89
N ASP A 61 10.38 12.33 0.79
CA ASP A 61 11.80 12.55 0.53
C ASP A 61 12.43 13.34 1.67
N GLU A 62 11.70 14.29 2.25
CA GLU A 62 12.20 15.02 3.40
C GLU A 62 12.37 14.10 4.60
N LEU A 63 11.40 13.20 4.82
CA LEU A 63 11.53 12.23 5.90
C LEU A 63 12.78 11.37 5.72
N GLU A 64 13.06 10.96 4.48
CA GLU A 64 14.24 10.14 4.21
C GLU A 64 15.52 10.86 4.63
N VAL A 65 15.54 12.20 4.55
CA VAL A 65 16.71 12.94 4.99
C VAL A 65 16.91 12.79 6.50
N VAL A 66 15.82 12.90 7.27
CA VAL A 66 15.92 12.77 8.72
C VAL A 66 16.42 11.37 9.09
N LEU A 67 15.97 10.35 8.35
CA LEU A 67 16.43 8.99 8.62
C LEU A 67 17.92 8.85 8.33
N LYS A 68 18.40 9.50 7.26
CA LYS A 68 19.82 9.48 6.95
C LYS A 68 20.63 10.06 8.11
N ASP A 69 20.18 11.18 8.67
CA ASP A 69 20.92 11.81 9.76
C ASP A 69 21.04 10.87 10.97
N VAL A 70 19.93 10.24 11.36
CA VAL A 70 19.92 9.46 12.59
C VAL A 70 20.60 8.11 12.41
N LEU A 71 20.59 7.56 11.19
CA LEU A 71 21.14 6.23 10.96
C LEU A 71 22.62 6.22 10.61
N GLN A 72 23.15 7.32 10.08
CA GLN A 72 24.48 7.31 9.50
C GLN A 72 25.60 7.51 10.51
N GLU A 73 25.31 8.03 11.70
CA GLU A 73 26.34 8.25 12.71
C GLU A 73 26.07 7.37 13.92
N PRO A 74 27.00 6.50 14.30
CA PRO A 74 26.82 5.73 15.53
C PRO A 74 26.89 6.62 16.77
N LYS A 75 26.39 6.07 17.88
CA LYS A 75 26.46 6.73 19.17
C LYS A 75 26.80 5.68 20.22
N THR A 76 27.66 6.05 21.17
CA THR A 76 28.13 5.09 22.16
C THR A 76 27.00 4.58 23.05
N GLU A 77 25.98 5.41 23.29
CA GLU A 77 24.88 5.04 24.17
C GLU A 77 23.78 4.27 23.45
N ASP A 78 23.90 4.06 22.14
CA ASP A 78 22.86 3.35 21.40
C ASP A 78 22.65 1.95 21.97
N ILE A 79 21.38 1.57 22.11
CA ILE A 79 21.04 0.23 22.56
C ILE A 79 21.20 -0.74 21.40
N VAL A 80 21.14 -2.04 21.68
CA VAL A 80 21.37 -3.04 20.63
C VAL A 80 20.36 -2.87 19.51
N ALA A 81 19.09 -2.63 19.86
CA ALA A 81 18.06 -2.45 18.82
C ALA A 81 18.46 -1.37 17.84
N VAL A 82 19.08 -0.29 18.33
CA VAL A 82 19.50 0.81 17.47
C VAL A 82 20.77 0.45 16.71
N GLN A 83 21.69 -0.28 17.35
CA GLN A 83 22.91 -0.68 16.68
C GLN A 83 22.63 -1.59 15.48
N LYS A 84 21.61 -2.45 15.61
CA LYS A 84 21.29 -3.35 14.51
C LYS A 84 20.72 -2.61 13.32
N ALA A 85 19.89 -1.59 13.57
CA ALA A 85 19.36 -0.80 12.48
C ALA A 85 20.48 -0.09 11.71
N LYS A 86 21.42 0.52 12.44
CA LYS A 86 22.52 1.22 11.78
C LYS A 86 23.45 0.24 11.07
N ALA A 87 23.72 -0.92 11.68
CA ALA A 87 24.51 -1.94 11.02
C ALA A 87 23.87 -2.34 9.70
N LEU A 88 22.55 -2.52 9.69
CA LEU A 88 21.85 -2.88 8.45
C LEU A 88 21.94 -1.76 7.43
N TYR A 89 21.76 -0.52 7.87
CA TYR A 89 21.90 0.63 6.97
C TYR A 89 23.28 0.62 6.30
N ARG A 90 24.33 0.43 7.09
CA ARG A 90 25.69 0.51 6.55
C ARG A 90 25.96 -0.60 5.54
N SER A 91 25.50 -1.82 5.84
CA SER A 91 25.70 -2.91 4.89
C SER A 91 25.00 -2.62 3.57
N CYS A 92 23.93 -1.83 3.60
CA CYS A 92 23.14 -1.56 2.41
C CYS A 92 23.77 -0.50 1.52
N ILE A 93 24.44 0.50 2.13
CA ILE A 93 25.01 1.60 1.35
C ILE A 93 26.43 1.31 0.88
N ASN A 94 27.01 0.18 1.28
CA ASN A 94 28.36 -0.19 0.83
C ASN A 94 28.24 -0.93 -0.50
N GLU A 95 28.08 -0.13 -1.57
CA GLU A 95 27.88 -0.71 -2.90
C GLU A 95 29.14 -1.35 -3.44
N SER A 96 30.31 -0.95 -2.96
CA SER A 96 31.55 -1.62 -3.39
C SER A 96 31.62 -3.03 -2.83
N ALA A 97 31.26 -3.21 -1.56
CA ALA A 97 31.22 -4.56 -1.00
C ALA A 97 30.17 -5.42 -1.70
N ILE A 98 29.06 -4.82 -2.10
CA ILE A 98 28.03 -5.56 -2.83
C ILE A 98 28.52 -5.86 -4.25
N ASP A 99 29.16 -4.89 -4.90
CA ASP A 99 29.63 -5.10 -6.27
C ASP A 99 30.68 -6.20 -6.33
N SER A 100 31.58 -6.25 -5.34
CA SER A 100 32.66 -7.24 -5.36
C SER A 100 32.15 -8.68 -5.33
N ARG A 101 30.88 -8.89 -4.98
N ARG A 101 30.89 -8.89 -4.99
CA ARG A 101 30.32 -10.23 -4.89
CA ARG A 101 30.32 -10.23 -4.89
C ARG A 101 29.56 -10.65 -6.14
C ARG A 101 29.53 -10.64 -6.13
N GLY A 102 29.30 -9.73 -7.05
CA GLY A 102 28.57 -10.08 -8.26
C GLY A 102 27.25 -10.75 -7.95
N GLY A 103 26.99 -11.86 -8.63
CA GLY A 103 25.82 -12.67 -8.40
C GLY A 103 26.05 -13.85 -7.49
N GLU A 104 27.24 -14.01 -6.94
CA GLU A 104 27.54 -15.15 -6.08
C GLU A 104 26.49 -15.39 -5.02
N PRO A 105 26.02 -14.39 -4.27
CA PRO A 105 24.98 -14.65 -3.26
C PRO A 105 23.75 -15.33 -3.83
N LEU A 106 23.36 -15.00 -5.07
CA LEU A 106 22.20 -15.64 -5.67
C LEU A 106 22.51 -17.08 -6.05
N LEU A 107 23.74 -17.34 -6.51
CA LEU A 107 24.10 -18.70 -6.92
C LEU A 107 24.07 -19.66 -5.73
N LYS A 108 24.54 -19.21 -4.56
CA LYS A 108 24.43 -20.04 -3.36
C LYS A 108 22.98 -20.32 -3.03
N LEU A 109 22.08 -19.44 -3.46
CA LEU A 109 20.68 -19.48 -3.02
C LEU A 109 19.79 -20.31 -3.94
N LEU A 110 20.19 -20.49 -5.20
CA LEU A 110 19.32 -21.15 -6.17
C LEU A 110 19.12 -22.64 -5.86
N PRO A 111 20.16 -23.37 -5.41
CA PRO A 111 19.92 -24.77 -5.02
C PRO A 111 18.88 -24.93 -3.93
N ASP A 112 18.64 -23.88 -3.14
CA ASP A 112 17.68 -23.95 -2.03
C ASP A 112 16.24 -23.78 -2.47
N ILE A 113 15.99 -23.44 -3.73
CA ILE A 113 14.63 -23.23 -4.23
C ILE A 113 14.38 -24.11 -5.44
N TYR A 114 15.09 -25.24 -5.51
CA TYR A 114 14.99 -26.19 -6.62
C TYR A 114 15.52 -25.62 -7.93
N GLY A 115 16.36 -24.58 -7.87
CA GLY A 115 17.06 -24.09 -9.03
C GLY A 115 16.20 -23.33 -10.04
N TRP A 116 16.87 -22.67 -10.99
CA TRP A 116 16.18 -21.99 -12.09
C TRP A 116 16.52 -22.74 -13.38
N PRO A 117 15.58 -23.51 -13.96
CA PRO A 117 15.94 -24.37 -15.09
C PRO A 117 16.70 -23.66 -16.22
N VAL A 118 16.24 -22.49 -16.65
CA VAL A 118 16.86 -21.84 -17.80
C VAL A 118 18.33 -21.58 -17.56
N ALA A 119 18.72 -21.30 -16.32
CA ALA A 119 20.12 -21.08 -15.98
C ALA A 119 20.77 -22.32 -15.40
N THR A 120 20.13 -23.48 -15.51
CA THR A 120 20.66 -24.74 -15.02
C THR A 120 20.86 -25.70 -16.18
N GLU A 121 21.75 -26.66 -15.97
CA GLU A 121 22.02 -27.71 -16.94
C GLU A 121 21.55 -29.05 -16.37
N ASN A 122 20.95 -29.87 -17.22
CA ASN A 122 20.33 -31.12 -16.79
C ASN A 122 19.48 -30.89 -15.54
N TRP A 123 18.55 -29.93 -15.64
CA TRP A 123 17.71 -29.59 -14.51
C TRP A 123 16.83 -30.78 -14.11
N GLU A 124 16.26 -31.47 -15.09
CA GLU A 124 15.39 -32.61 -14.78
C GLU A 124 16.12 -33.68 -13.99
N GLN A 125 17.40 -33.91 -14.33
CA GLN A 125 18.17 -34.93 -13.63
C GLN A 125 18.55 -34.49 -12.23
N LYS A 126 18.90 -33.21 -12.06
CA LYS A 126 19.34 -32.71 -10.77
C LYS A 126 18.17 -32.54 -9.80
N TYR A 127 17.14 -31.80 -10.21
CA TYR A 127 16.03 -31.44 -9.32
C TYR A 127 14.73 -32.13 -9.66
N GLY A 128 14.51 -32.52 -10.92
CA GLY A 128 13.25 -33.11 -11.33
C GLY A 128 12.87 -34.36 -10.56
N ALA A 129 13.85 -35.03 -9.95
CA ALA A 129 13.56 -36.26 -9.21
C ALA A 129 12.75 -35.96 -7.96
N SER A 130 13.31 -35.17 -7.04
CA SER A 130 12.66 -34.84 -5.79
C SER A 130 11.67 -33.68 -5.90
N TRP A 131 11.30 -33.30 -7.12
CA TRP A 131 10.48 -32.11 -7.33
C TRP A 131 9.00 -32.43 -7.15
N THR A 132 8.34 -31.68 -6.29
CA THR A 132 6.89 -31.71 -6.18
C THR A 132 6.39 -30.28 -6.06
N ALA A 133 5.27 -29.99 -6.74
CA ALA A 133 4.66 -28.68 -6.61
C ALA A 133 4.43 -28.33 -5.14
N GLU A 134 4.02 -29.31 -4.34
CA GLU A 134 3.82 -29.09 -2.93
C GLU A 134 5.09 -28.55 -2.27
N LYS A 135 6.21 -29.24 -2.46
CA LYS A 135 7.46 -28.85 -1.81
C LYS A 135 8.07 -27.62 -2.46
N ALA A 136 7.97 -27.51 -3.79
CA ALA A 136 8.55 -26.36 -4.48
C ALA A 136 7.87 -25.06 -4.08
N ILE A 137 6.54 -25.02 -4.19
CA ILE A 137 5.80 -23.81 -3.80
C ILE A 137 5.98 -23.52 -2.32
N ALA A 138 6.13 -24.57 -1.51
CA ALA A 138 6.21 -24.39 -0.06
C ALA A 138 7.54 -23.80 0.37
N GLN A 139 8.63 -24.16 -0.32
CA GLN A 139 9.94 -23.64 0.05
C GLN A 139 10.03 -22.14 -0.23
N LEU A 140 9.41 -21.68 -1.31
CA LEU A 140 9.44 -20.25 -1.61
C LEU A 140 8.55 -19.46 -0.65
N ASN A 141 7.40 -20.03 -0.27
CA ASN A 141 6.52 -19.37 0.66
C ASN A 141 7.11 -19.33 2.06
N SER A 142 7.51 -20.50 2.58
CA SER A 142 7.86 -20.61 4.00
C SER A 142 9.17 -19.91 4.32
N LYS A 143 10.16 -19.99 3.44
CA LYS A 143 11.49 -19.48 3.76
C LYS A 143 11.75 -18.09 3.22
N TYR A 144 11.13 -17.71 2.10
CA TYR A 144 11.38 -16.42 1.50
C TYR A 144 10.12 -15.58 1.33
N GLY A 145 8.96 -16.07 1.77
CA GLY A 145 7.74 -15.31 1.71
C GLY A 145 7.32 -14.92 0.30
N LYS A 146 7.68 -15.72 -0.70
CA LYS A 146 7.34 -15.45 -2.09
C LYS A 146 6.25 -16.43 -2.51
N LYS A 147 5.14 -15.88 -3.01
CA LYS A 147 3.94 -16.64 -3.34
C LYS A 147 3.78 -16.62 -4.87
N VAL A 148 3.82 -17.80 -5.50
CA VAL A 148 4.06 -17.89 -6.93
C VAL A 148 2.88 -18.48 -7.69
N LEU A 149 2.25 -19.53 -7.17
CA LEU A 149 1.09 -20.12 -7.85
C LEU A 149 -0.14 -20.12 -6.96
N ILE A 150 -0.02 -20.60 -5.74
CA ILE A 150 -1.07 -20.48 -4.72
C ILE A 150 -0.50 -19.61 -3.61
N ASN A 151 -1.28 -18.64 -3.17
CA ASN A 151 -0.87 -17.72 -2.11
C ASN A 151 -1.54 -18.19 -0.82
N LEU A 152 -0.83 -19.02 -0.07
CA LEU A 152 -1.26 -19.46 1.26
C LEU A 152 -0.55 -18.61 2.29
N PHE A 153 -1.32 -17.97 3.17
CA PHE A 153 -0.76 -17.10 4.20
C PHE A 153 -1.61 -17.21 5.46
N VAL A 154 -0.99 -16.87 6.59
CA VAL A 154 -1.67 -16.85 7.88
C VAL A 154 -2.10 -15.41 8.16
N GLY A 155 -3.39 -15.23 8.42
CA GLY A 155 -3.94 -13.91 8.68
C GLY A 155 -5.01 -13.93 9.75
N THR A 156 -5.65 -12.80 9.98
CA THR A 156 -6.72 -12.71 10.96
C THR A 156 -8.02 -13.25 10.36
N ASP A 157 -8.78 -13.96 11.18
CA ASP A 157 -10.08 -14.47 10.75
C ASP A 157 -11.05 -13.31 10.61
N ASP A 158 -11.55 -13.10 9.39
CA ASP A 158 -12.50 -12.00 9.17
C ASP A 158 -13.72 -12.11 10.07
N LYS A 159 -14.12 -13.33 10.43
CA LYS A 159 -15.31 -13.56 11.24
C LYS A 159 -14.97 -13.96 12.67
N ASN A 160 -13.76 -13.63 13.14
CA ASN A 160 -13.39 -13.78 14.54
C ASN A 160 -12.06 -13.07 14.77
N SER A 161 -12.12 -11.75 15.00
CA SER A 161 -10.96 -10.88 14.88
C SER A 161 -9.88 -11.13 15.92
N VAL A 162 -10.12 -12.03 16.88
CA VAL A 162 -9.08 -12.32 17.87
C VAL A 162 -8.22 -13.53 17.50
N ASN A 163 -8.62 -14.30 16.49
CA ASN A 163 -7.89 -15.49 16.09
C ASN A 163 -7.20 -15.27 14.75
N HIS A 164 -6.32 -16.20 14.43
CA HIS A 164 -5.68 -16.28 13.13
C HIS A 164 -6.15 -17.54 12.41
N VAL A 165 -6.13 -17.50 11.08
CA VAL A 165 -6.56 -18.64 10.26
C VAL A 165 -5.70 -18.66 9.01
N ILE A 166 -5.64 -19.82 8.37
CA ILE A 166 -4.93 -19.98 7.10
C ILE A 166 -5.84 -19.48 5.98
N HIS A 167 -5.27 -18.72 5.06
CA HIS A 167 -5.98 -18.17 3.92
C HIS A 167 -5.40 -18.77 2.64
N ILE A 168 -6.27 -19.01 1.66
CA ILE A 168 -5.87 -19.45 0.33
C ILE A 168 -6.35 -18.41 -0.66
N ASP A 169 -5.44 -17.86 -1.46
CA ASP A 169 -5.78 -16.76 -2.35
C ASP A 169 -4.94 -16.87 -3.62
N GLN A 170 -5.37 -16.13 -4.64
CA GLN A 170 -4.61 -16.09 -5.89
C GLN A 170 -3.36 -15.24 -5.72
N PRO A 171 -2.28 -15.57 -6.42
CA PRO A 171 -1.01 -14.87 -6.21
C PRO A 171 -0.90 -13.59 -7.04
N ARG A 172 0.08 -12.78 -6.66
CA ARG A 172 0.43 -11.60 -7.43
C ARG A 172 1.14 -12.01 -8.72
N LEU A 173 1.34 -11.04 -9.60
CA LEU A 173 1.92 -11.27 -10.91
C LEU A 173 3.21 -10.48 -11.05
N GLY A 174 3.98 -10.82 -12.08
CA GLY A 174 5.20 -10.09 -12.36
C GLY A 174 4.95 -8.67 -12.79
N LEU A 175 3.87 -8.44 -13.52
CA LEU A 175 3.49 -7.12 -14.00
C LEU A 175 2.45 -6.49 -13.08
N PRO A 176 2.23 -5.18 -13.18
CA PRO A 176 1.40 -4.49 -12.18
C PRO A 176 -0.01 -5.04 -12.02
N SER A 177 -0.63 -5.52 -13.09
CA SER A 177 -2.01 -6.00 -12.99
C SER A 177 -2.26 -7.02 -14.09
N ARG A 178 -3.40 -7.71 -13.96
CA ARG A 178 -3.78 -8.70 -14.96
C ARG A 178 -3.97 -8.08 -16.33
N ASP A 179 -4.37 -6.80 -16.38
CA ASP A 179 -4.64 -6.15 -17.66
C ASP A 179 -3.40 -6.13 -18.54
N TYR A 180 -2.21 -6.02 -17.95
CA TYR A 180 -0.98 -5.90 -18.73
C TYR A 180 -0.79 -7.07 -19.67
N TYR A 181 -1.28 -8.25 -19.30
CA TYR A 181 -0.96 -9.45 -20.09
C TYR A 181 -1.71 -9.52 -21.42
N GLU A 182 -2.47 -8.49 -21.78
CA GLU A 182 -2.90 -8.35 -23.17
C GLU A 182 -1.69 -8.18 -24.09
N CYS A 183 -0.72 -7.37 -23.65
CA CYS A 183 0.54 -7.19 -24.36
C CYS A 183 0.32 -6.49 -25.70
N THR A 184 -0.63 -5.56 -25.73
CA THR A 184 -0.91 -4.77 -26.93
C THR A 184 -1.07 -3.30 -26.53
N GLY A 185 -0.67 -2.42 -27.44
CA GLY A 185 -0.84 -0.99 -27.21
C GLY A 185 -0.05 -0.54 -25.99
N ILE A 186 -0.76 0.04 -25.02
CA ILE A 186 -0.10 0.63 -23.85
C ILE A 186 0.57 -0.41 -22.98
N TYR A 187 0.36 -1.70 -23.24
CA TYR A 187 0.97 -2.75 -22.45
C TYR A 187 2.07 -3.50 -23.20
N LYS A 188 2.24 -3.26 -24.50
CA LYS A 188 3.20 -4.04 -25.28
C LYS A 188 4.62 -3.79 -24.80
N GLU A 189 5.00 -2.52 -24.62
CA GLU A 189 6.37 -2.21 -24.19
C GLU A 189 6.70 -2.90 -22.88
N ALA A 190 5.77 -2.87 -21.91
CA ALA A 190 6.01 -3.53 -20.63
C ALA A 190 6.18 -5.03 -20.81
N CYS A 191 5.27 -5.67 -21.56
CA CYS A 191 5.40 -7.09 -21.81
C CYS A 191 6.75 -7.43 -22.43
N THR A 192 7.24 -6.57 -23.33
CA THR A 192 8.51 -6.83 -24.00
C THR A 192 9.67 -6.70 -23.02
N ALA A 193 9.73 -5.59 -22.28
CA ALA A 193 10.80 -5.43 -21.30
C ALA A 193 10.76 -6.52 -20.25
N TYR A 194 9.58 -7.05 -19.95
CA TYR A 194 9.44 -8.09 -18.94
C TYR A 194 10.14 -9.37 -19.37
N VAL A 195 9.89 -9.83 -20.59
CA VAL A 195 10.57 -11.02 -21.08
C VAL A 195 12.05 -10.72 -21.34
N ASP A 196 12.34 -9.55 -21.90
CA ASP A 196 13.74 -9.15 -22.04
C ASP A 196 14.44 -9.13 -20.69
N PHE A 197 13.74 -8.69 -19.64
CA PHE A 197 14.30 -8.72 -18.30
C PHE A 197 14.65 -10.15 -17.90
N MET A 198 13.76 -11.10 -18.18
CA MET A 198 14.05 -12.50 -17.89
C MET A 198 15.35 -12.93 -18.55
N ILE A 199 15.48 -12.71 -19.86
CA ILE A 199 16.60 -13.24 -20.61
C ILE A 199 17.91 -12.59 -20.16
N SER A 200 17.88 -11.29 -19.89
CA SER A 200 19.09 -10.60 -19.44
C SER A 200 19.61 -11.23 -18.15
N VAL A 201 18.73 -11.46 -17.17
CA VAL A 201 19.14 -12.05 -15.91
C VAL A 201 19.64 -13.48 -16.14
N ALA A 202 18.87 -14.27 -16.90
CA ALA A 202 19.28 -15.63 -17.19
C ALA A 202 20.65 -15.66 -17.86
N ARG A 203 20.89 -14.73 -18.80
CA ARG A 203 22.16 -14.72 -19.50
C ARG A 203 23.31 -14.34 -18.58
N LEU A 204 23.06 -13.48 -17.59
CA LEU A 204 24.11 -13.11 -16.65
C LEU A 204 24.46 -14.25 -15.71
N ILE A 205 23.47 -15.06 -15.33
CA ILE A 205 23.73 -16.19 -14.44
C ILE A 205 24.51 -17.26 -15.17
N ARG A 206 24.11 -17.59 -16.40
CA ARG A 206 24.86 -18.55 -17.20
C ARG A 206 26.28 -18.08 -17.43
N GLN A 207 26.45 -16.82 -17.83
CA GLN A 207 27.79 -16.27 -18.01
C GLN A 207 28.62 -16.42 -16.75
N GLU A 208 28.03 -16.10 -15.59
CA GLU A 208 28.77 -16.16 -14.34
C GLU A 208 29.02 -17.59 -13.88
N GLU A 209 28.22 -18.55 -14.36
CA GLU A 209 28.49 -19.96 -14.14
C GLU A 209 29.30 -20.57 -15.28
N ARG A 210 29.79 -19.74 -16.20
CA ARG A 210 30.56 -20.20 -17.35
C ARG A 210 29.84 -21.34 -18.08
N LEU A 211 28.59 -21.07 -18.43
CA LEU A 211 27.77 -22.00 -19.19
C LEU A 211 27.58 -21.49 -20.62
N PRO A 212 27.24 -22.38 -21.55
CA PRO A 212 27.01 -21.93 -22.94
C PRO A 212 25.67 -21.23 -23.07
N ILE A 213 25.67 -20.13 -23.81
CA ILE A 213 24.49 -19.29 -23.98
C ILE A 213 23.96 -19.50 -25.40
N ASP A 214 22.77 -20.08 -25.49
CA ASP A 214 22.04 -20.24 -26.75
C ASP A 214 20.88 -19.25 -26.72
N GLU A 215 21.04 -18.13 -27.42
CA GLU A 215 20.06 -17.05 -27.34
C GLU A 215 18.66 -17.53 -27.71
N ASN A 216 18.55 -18.39 -28.73
CA ASN A 216 17.23 -18.85 -29.14
C ASN A 216 16.60 -19.78 -28.10
N GLN A 217 17.41 -20.56 -27.39
CA GLN A 217 16.88 -21.39 -26.32
C GLN A 217 16.38 -20.53 -25.16
N LEU A 218 17.08 -19.43 -24.87
CA LEU A 218 16.63 -18.51 -23.83
C LEU A 218 15.28 -17.91 -24.18
N ALA A 219 15.18 -17.29 -25.36
CA ALA A 219 13.91 -16.71 -25.79
C ALA A 219 12.78 -17.73 -25.73
N LEU A 220 13.04 -18.95 -26.23
CA LEU A 220 12.02 -19.99 -26.21
C LEU A 220 11.55 -20.27 -24.79
N GLU A 221 12.48 -20.43 -23.85
CA GLU A 221 12.09 -20.79 -22.49
C GLU A 221 11.37 -19.64 -21.79
N MET A 222 11.87 -18.41 -21.95
CA MET A 222 11.31 -17.28 -21.23
C MET A 222 9.97 -16.84 -21.82
N ASN A 223 9.73 -17.11 -23.11
CA ASN A 223 8.43 -16.83 -23.67
C ASN A 223 7.40 -17.86 -23.20
N LYS A 224 7.81 -19.11 -23.04
CA LYS A 224 6.94 -20.10 -22.40
C LYS A 224 6.56 -19.66 -21.00
N VAL A 225 7.49 -19.01 -20.29
CA VAL A 225 7.16 -18.44 -18.98
C VAL A 225 6.08 -17.38 -19.12
N MET A 226 6.15 -16.59 -20.19
CA MET A 226 5.16 -15.53 -20.40
C MET A 226 3.82 -16.12 -20.84
N GLU A 227 3.84 -17.08 -21.77
CA GLU A 227 2.61 -17.76 -22.14
C GLU A 227 1.95 -18.41 -20.93
N LEU A 228 2.76 -18.84 -19.96
CA LEU A 228 2.23 -19.51 -18.78
C LEU A 228 1.60 -18.51 -17.81
N GLU A 229 2.30 -17.41 -17.53
CA GLU A 229 1.74 -16.42 -16.61
C GLU A 229 0.55 -15.70 -17.23
N LYS A 230 0.52 -15.59 -18.56
CA LYS A 230 -0.69 -15.09 -19.22
C LYS A 230 -1.90 -15.92 -18.84
N GLU A 231 -1.76 -17.25 -18.86
CA GLU A 231 -2.87 -18.12 -18.47
C GLU A 231 -3.24 -17.91 -17.01
N ILE A 232 -2.25 -17.92 -16.12
CA ILE A 232 -2.51 -17.69 -14.70
C ILE A 232 -3.13 -16.30 -14.51
N ALA A 233 -2.63 -15.30 -15.23
CA ALA A 233 -3.16 -13.95 -15.11
C ALA A 233 -4.61 -13.89 -15.52
N ASN A 234 -4.94 -14.47 -16.69
CA ASN A 234 -6.32 -14.46 -17.16
C ASN A 234 -7.24 -15.26 -16.26
N ALA A 235 -6.69 -16.18 -15.47
CA ALA A 235 -7.51 -16.98 -14.56
C ALA A 235 -7.86 -16.23 -13.28
N THR A 236 -7.18 -15.13 -12.98
CA THR A 236 -7.40 -14.42 -11.74
C THR A 236 -8.68 -13.59 -11.81
N ALA A 237 -9.24 -13.31 -10.63
CA ALA A 237 -10.46 -12.52 -10.53
C ALA A 237 -10.14 -11.03 -10.60
N LYS A 238 -10.98 -10.30 -11.33
CA LYS A 238 -10.89 -8.85 -11.40
C LYS A 238 -10.94 -8.28 -9.98
N PRO A 239 -10.39 -7.09 -9.74
CA PRO A 239 -10.64 -6.43 -8.45
C PRO A 239 -12.11 -6.12 -8.25
N GLU A 240 -12.85 -5.87 -9.33
CA GLU A 240 -14.28 -5.57 -9.22
C GLU A 240 -15.04 -6.73 -8.56
N ASP A 241 -14.62 -7.96 -8.85
CA ASP A 241 -15.30 -9.14 -8.33
C ASP A 241 -14.72 -9.60 -6.99
N ARG A 242 -13.97 -8.74 -6.31
CA ARG A 242 -13.40 -9.06 -5.00
C ARG A 242 -13.68 -7.96 -3.99
N ASN A 243 -14.60 -7.05 -4.28
CA ASN A 243 -14.86 -5.89 -3.44
C ASN A 243 -15.83 -6.16 -2.30
N ASP A 244 -16.55 -7.28 -2.35
CA ASP A 244 -17.48 -7.62 -1.28
C ASP A 244 -16.83 -8.65 -0.38
N PRO A 245 -16.47 -8.30 0.87
CA PRO A 245 -15.81 -9.30 1.74
C PRO A 245 -16.74 -10.42 2.18
N MET A 246 -18.05 -10.19 2.18
CA MET A 246 -19.00 -11.26 2.52
C MET A 246 -18.97 -12.37 1.47
N LEU A 247 -19.06 -11.99 0.19
CA LEU A 247 -19.04 -12.98 -0.88
C LEU A 247 -17.66 -13.59 -1.05
N LEU A 248 -16.61 -12.96 -0.52
CA LEU A 248 -15.26 -13.42 -0.69
C LEU A 248 -14.83 -14.43 0.38
N TYR A 249 -15.48 -14.40 1.54
CA TYR A 249 -15.10 -15.26 2.66
C TYR A 249 -15.77 -16.63 2.48
N ASN A 250 -14.96 -17.65 2.21
CA ASN A 250 -15.45 -19.02 2.06
C ASN A 250 -14.64 -19.90 2.99
N LYS A 251 -15.27 -20.40 4.06
CA LYS A 251 -14.58 -21.22 5.05
C LYS A 251 -14.78 -22.69 4.71
N MET A 252 -13.66 -23.41 4.58
CA MET A 252 -13.68 -24.83 4.30
C MET A 252 -12.62 -25.51 5.15
N THR A 253 -12.70 -26.84 5.20
CA THR A 253 -11.64 -27.65 5.76
C THR A 253 -10.71 -28.11 4.64
N LEU A 254 -9.50 -28.52 5.00
CA LEU A 254 -8.61 -29.11 4.02
C LEU A 254 -9.24 -30.32 3.35
N ALA A 255 -10.23 -30.95 4.00
CA ALA A 255 -10.98 -32.02 3.36
C ALA A 255 -11.81 -31.48 2.21
N GLN A 256 -12.69 -30.53 2.49
CA GLN A 256 -13.48 -29.89 1.43
C GLN A 256 -12.57 -29.37 0.32
N ILE A 257 -11.47 -28.73 0.68
CA ILE A 257 -10.58 -28.13 -0.32
C ILE A 257 -10.01 -29.22 -1.23
N GLN A 258 -9.61 -30.34 -0.66
CA GLN A 258 -9.04 -31.41 -1.48
C GLN A 258 -10.08 -31.98 -2.45
N ASN A 259 -11.32 -32.09 -2.01
CA ASN A 259 -12.37 -32.71 -2.80
C ASN A 259 -13.09 -31.74 -3.73
N ASN A 260 -12.87 -30.43 -3.57
CA ASN A 260 -13.52 -29.43 -4.42
C ASN A 260 -12.56 -28.68 -5.32
N PHE A 261 -11.26 -28.68 -5.01
CA PHE A 261 -10.26 -27.97 -5.82
C PHE A 261 -9.01 -28.85 -5.95
N SER A 262 -9.14 -29.91 -6.73
CA SER A 262 -7.99 -30.76 -7.02
C SER A 262 -7.13 -30.12 -8.10
N LEU A 263 -5.85 -30.48 -8.11
CA LEU A 263 -4.91 -30.01 -9.11
C LEU A 263 -4.03 -31.16 -9.55
N GLU A 264 -3.88 -31.31 -10.86
CA GLU A 264 -3.00 -32.31 -11.47
C GLU A 264 -1.82 -31.55 -12.04
N ILE A 265 -0.65 -31.69 -11.40
CA ILE A 265 0.54 -30.92 -11.74
C ILE A 265 1.69 -31.89 -11.97
N ASN A 266 2.33 -31.77 -13.13
CA ASN A 266 3.43 -32.66 -13.50
C ASN A 266 2.99 -34.12 -13.48
N GLY A 267 1.72 -34.37 -13.79
CA GLY A 267 1.17 -35.71 -13.77
C GLY A 267 0.84 -36.24 -12.39
N LYS A 268 1.20 -35.52 -11.31
CA LYS A 268 0.97 -35.92 -9.94
C LYS A 268 -0.15 -35.11 -9.32
N PRO A 269 -1.07 -35.74 -8.57
CA PRO A 269 -2.12 -34.96 -7.91
C PRO A 269 -1.57 -34.11 -6.79
N PHE A 270 -2.22 -32.97 -6.56
CA PHE A 270 -1.80 -32.01 -5.56
C PHE A 270 -2.43 -32.36 -4.21
N SER A 271 -1.62 -32.33 -3.15
CA SER A 271 -2.07 -32.67 -1.80
C SER A 271 -2.02 -31.40 -0.95
N TRP A 272 -3.20 -30.85 -0.66
CA TRP A 272 -3.27 -29.63 0.13
C TRP A 272 -2.75 -29.85 1.54
N LEU A 273 -2.88 -31.07 2.08
CA LEU A 273 -2.34 -31.34 3.41
C LEU A 273 -0.82 -31.43 3.37
N ASN A 274 -0.26 -32.06 2.32
CA ASN A 274 1.18 -32.12 2.17
C ASN A 274 1.75 -30.74 1.89
N PHE A 275 1.07 -29.95 1.06
CA PHE A 275 1.53 -28.60 0.76
C PHE A 275 1.47 -27.71 2.00
N THR A 276 0.40 -27.84 2.79
CA THR A 276 0.26 -26.99 3.97
C THR A 276 1.29 -27.35 5.04
N ASN A 277 1.40 -28.64 5.36
CA ASN A 277 2.36 -29.05 6.39
C ASN A 277 3.80 -28.79 5.96
N GLU A 278 4.07 -28.83 4.66
CA GLU A 278 5.40 -28.44 4.18
C GLU A 278 5.71 -27.00 4.56
N ILE A 279 4.70 -26.16 4.69
CA ILE A 279 4.89 -24.76 5.08
C ILE A 279 4.90 -24.61 6.60
N MET A 280 3.89 -25.17 7.27
CA MET A 280 3.76 -24.94 8.70
C MET A 280 4.81 -25.70 9.51
N SER A 281 5.29 -26.83 9.01
CA SER A 281 6.35 -27.55 9.70
C SER A 281 7.61 -26.70 9.84
N THR A 282 7.79 -25.70 8.97
CA THR A 282 8.87 -24.74 9.13
C THR A 282 8.88 -24.11 10.52
N VAL A 283 7.76 -24.14 11.23
CA VAL A 283 7.64 -23.51 12.54
C VAL A 283 7.11 -24.54 13.53
N ASN A 284 7.38 -25.81 13.29
CA ASN A 284 7.04 -26.88 14.23
C ASN A 284 5.54 -26.87 14.56
N ILE A 285 4.73 -26.78 13.51
CA ILE A 285 3.28 -26.81 13.66
C ILE A 285 2.72 -27.87 12.72
N SER A 286 1.78 -28.66 13.22
CA SER A 286 1.17 -29.75 12.47
C SER A 286 -0.26 -29.38 12.09
N ILE A 287 -0.68 -29.87 10.93
CA ILE A 287 -2.00 -29.55 10.37
C ILE A 287 -2.68 -30.84 9.96
N THR A 288 -3.95 -30.99 10.36
CA THR A 288 -4.76 -32.15 10.01
C THR A 288 -5.77 -31.76 8.94
N ASN A 289 -6.51 -32.75 8.45
CA ASN A 289 -7.46 -32.52 7.37
C ASN A 289 -8.73 -31.83 7.83
N GLU A 290 -8.97 -31.74 9.13
CA GLU A 290 -10.07 -30.95 9.67
C GLU A 290 -9.65 -29.50 9.97
N GLU A 291 -8.49 -29.08 9.48
CA GLU A 291 -8.04 -27.71 9.66
C GLU A 291 -8.95 -26.75 8.89
N ASP A 292 -9.36 -25.67 9.55
CA ASP A 292 -10.21 -24.67 8.92
C ASP A 292 -9.38 -23.74 8.05
N VAL A 293 -9.94 -23.35 6.91
CA VAL A 293 -9.26 -22.55 5.91
C VAL A 293 -10.25 -21.58 5.28
N VAL A 294 -9.76 -20.38 4.94
CA VAL A 294 -10.54 -19.37 4.25
C VAL A 294 -10.01 -19.27 2.83
N VAL A 295 -10.88 -19.50 1.85
CA VAL A 295 -10.52 -19.49 0.44
C VAL A 295 -11.09 -18.21 -0.18
N TYR A 296 -10.20 -17.33 -0.64
CA TYR A 296 -10.60 -16.06 -1.21
C TYR A 296 -10.76 -16.10 -2.73
N ALA A 297 -10.22 -17.12 -3.39
CA ALA A 297 -10.24 -17.20 -4.85
C ALA A 297 -10.63 -18.61 -5.29
N PRO A 298 -11.80 -19.08 -4.88
CA PRO A 298 -12.21 -20.43 -5.28
C PRO A 298 -12.32 -20.58 -6.78
N GLU A 299 -12.82 -19.55 -7.47
CA GLU A 299 -12.93 -19.62 -8.92
C GLU A 299 -11.56 -19.74 -9.57
N TYR A 300 -10.56 -19.05 -9.01
CA TYR A 300 -9.20 -19.14 -9.54
C TYR A 300 -8.67 -20.56 -9.46
N LEU A 301 -8.89 -21.22 -8.31
CA LEU A 301 -8.42 -22.59 -8.16
C LEU A 301 -9.05 -23.51 -9.20
N THR A 302 -10.33 -23.31 -9.50
CA THR A 302 -11.01 -24.15 -10.49
C THR A 302 -10.37 -24.00 -11.86
N LYS A 303 -10.22 -22.77 -12.33
CA LYS A 303 -9.62 -22.54 -13.64
C LYS A 303 -8.15 -22.93 -13.67
N LEU A 304 -7.53 -23.09 -12.51
CA LEU A 304 -6.11 -23.41 -12.44
C LEU A 304 -5.84 -24.86 -12.85
N LYS A 305 -6.74 -25.77 -12.48
CA LYS A 305 -6.54 -27.19 -12.74
C LYS A 305 -6.21 -27.52 -14.18
N PRO A 306 -6.99 -27.10 -15.19
CA PRO A 306 -6.63 -27.43 -16.58
C PRO A 306 -5.48 -26.60 -17.12
N ILE A 307 -5.05 -25.54 -16.43
CA ILE A 307 -3.89 -24.78 -16.88
C ILE A 307 -2.61 -25.54 -16.58
N LEU A 308 -2.49 -26.10 -15.38
CA LEU A 308 -1.25 -26.71 -14.94
C LEU A 308 -1.02 -28.11 -15.50
N THR A 309 -2.07 -28.78 -15.97
CA THR A 309 -1.87 -30.07 -16.61
C THR A 309 -1.10 -29.94 -17.92
N LYS A 310 -1.16 -28.78 -18.56
CA LYS A 310 -0.52 -28.56 -19.85
C LYS A 310 0.94 -28.15 -19.73
N TYR A 311 1.48 -28.07 -18.51
CA TYR A 311 2.83 -27.60 -18.28
C TYR A 311 3.61 -28.60 -17.45
N SER A 312 4.91 -28.65 -17.69
CA SER A 312 5.80 -29.58 -17.00
C SER A 312 6.33 -28.95 -15.72
N ALA A 313 7.02 -29.78 -14.92
CA ALA A 313 7.68 -29.28 -13.73
C ALA A 313 8.76 -28.26 -14.09
N ARG A 314 9.42 -28.43 -15.23
CA ARG A 314 10.40 -27.46 -15.69
C ARG A 314 9.72 -26.15 -16.07
N ASP A 315 8.66 -26.21 -16.88
CA ASP A 315 7.95 -25.00 -17.27
C ASP A 315 7.48 -24.22 -16.05
N LEU A 316 6.97 -24.92 -15.04
CA LEU A 316 6.46 -24.24 -13.85
C LEU A 316 7.58 -23.61 -13.04
N GLN A 317 8.70 -24.32 -12.89
CA GLN A 317 9.79 -23.81 -12.06
C GLN A 317 10.42 -22.57 -12.67
N ASN A 318 10.57 -22.54 -14.00
CA ASN A 318 11.16 -21.38 -14.65
C ASN A 318 10.42 -20.10 -14.26
N LEU A 319 9.10 -20.18 -14.09
CA LEU A 319 8.34 -19.02 -13.65
C LEU A 319 8.53 -18.76 -12.16
N MET A 320 8.41 -19.81 -11.34
CA MET A 320 8.43 -19.63 -9.89
C MET A 320 9.74 -19.01 -9.42
N SER A 321 10.87 -19.58 -9.84
CA SER A 321 12.15 -19.03 -9.45
C SER A 321 12.34 -17.62 -10.02
N TRP A 322 11.85 -17.37 -11.23
CA TRP A 322 11.98 -16.05 -11.83
C TRP A 322 11.28 -14.99 -10.99
N ARG A 323 10.09 -15.31 -10.47
CA ARG A 323 9.36 -14.34 -9.66
C ARG A 323 10.14 -13.97 -8.40
N PHE A 324 11.00 -14.85 -7.92
CA PHE A 324 11.85 -14.52 -6.77
C PHE A 324 13.10 -13.79 -7.21
N ILE A 325 13.69 -14.19 -8.34
CA ILE A 325 14.91 -13.55 -8.82
C ILE A 325 14.61 -12.11 -9.26
N MET A 326 13.38 -11.82 -9.64
CA MET A 326 13.00 -10.44 -9.97
C MET A 326 13.42 -9.48 -8.87
N ASP A 327 13.12 -9.83 -7.61
CA ASP A 327 13.32 -8.92 -6.50
C ASP A 327 14.75 -8.91 -5.98
N LEU A 328 15.54 -9.94 -6.28
CA LEU A 328 16.88 -10.06 -5.71
C LEU A 328 17.95 -9.39 -6.57
N VAL A 329 17.71 -9.21 -7.88
CA VAL A 329 18.74 -8.64 -8.75
C VAL A 329 19.14 -7.25 -8.27
N SER A 330 18.20 -6.49 -7.73
CA SER A 330 18.51 -5.14 -7.26
C SER A 330 19.37 -5.16 -6.00
N SER A 331 19.53 -6.31 -5.35
CA SER A 331 20.40 -6.44 -4.18
C SER A 331 21.76 -7.02 -4.54
N LEU A 332 22.06 -7.21 -5.83
CA LEU A 332 23.33 -7.72 -6.28
C LEU A 332 24.17 -6.57 -6.88
N SER A 333 25.16 -6.93 -7.69
CA SER A 333 26.10 -5.95 -8.20
C SER A 333 25.44 -5.05 -9.25
N ARG A 334 26.21 -4.06 -9.72
CA ARG A 334 25.69 -3.12 -10.71
C ARG A 334 25.23 -3.83 -11.96
N THR A 335 26.01 -4.80 -12.44
CA THR A 335 25.64 -5.51 -13.67
C THR A 335 24.25 -6.12 -13.56
N TYR A 336 23.89 -6.61 -12.36
CA TYR A 336 22.57 -7.19 -12.17
C TYR A 336 21.51 -6.11 -11.99
N LYS A 337 21.85 -5.00 -11.33
CA LYS A 337 20.94 -3.87 -11.23
C LYS A 337 20.56 -3.35 -12.62
N GLU A 338 21.55 -3.27 -13.52
CA GLU A 338 21.31 -2.69 -14.84
C GLU A 338 20.23 -3.46 -15.61
N SER A 339 20.15 -4.78 -15.41
CA SER A 339 19.23 -5.59 -16.19
C SER A 339 17.77 -5.17 -15.98
N ARG A 340 17.47 -4.46 -14.90
CA ARG A 340 16.11 -4.05 -14.58
C ARG A 340 15.74 -2.69 -15.17
N ASN A 341 16.63 -2.08 -15.96
CA ASN A 341 16.41 -0.71 -16.40
C ASN A 341 15.18 -0.59 -17.29
N ALA A 342 15.17 -1.30 -18.42
CA ALA A 342 14.05 -1.18 -19.35
C ALA A 342 12.73 -1.58 -18.70
N PHE A 343 12.77 -2.52 -17.76
CA PHE A 343 11.57 -2.95 -17.07
C PHE A 343 11.06 -1.88 -16.11
N ARG A 344 11.97 -1.27 -15.34
CA ARG A 344 11.58 -0.18 -14.45
C ARG A 344 11.05 1.00 -15.23
N LYS A 345 11.71 1.36 -16.33
CA LYS A 345 11.26 2.48 -17.15
C LYS A 345 9.86 2.22 -17.69
N ALA A 346 9.55 0.97 -18.02
CA ALA A 346 8.28 0.65 -18.66
C ALA A 346 7.12 0.69 -17.67
N LEU A 347 7.35 0.26 -16.42
CA LEU A 347 6.28 0.24 -15.43
C LEU A 347 6.17 1.56 -14.66
N TYR A 348 7.28 2.29 -14.50
CA TYR A 348 7.30 3.48 -13.67
C TYR A 348 7.73 4.74 -14.40
N GLY A 349 8.37 4.63 -15.56
CA GLY A 349 8.79 5.78 -16.31
C GLY A 349 10.07 6.42 -15.85
N THR A 350 10.77 5.82 -14.89
CA THR A 350 11.98 6.40 -14.32
C THR A 350 13.21 5.97 -15.10
N THR A 351 14.08 6.93 -15.40
CA THR A 351 15.30 6.66 -16.15
C THR A 351 16.48 6.25 -15.27
N SER A 352 16.36 6.38 -13.96
CA SER A 352 17.42 5.98 -13.05
C SER A 352 16.81 5.59 -11.72
N GLU A 353 17.63 5.00 -10.86
CA GLU A 353 17.17 4.53 -9.56
C GLU A 353 17.34 5.61 -8.50
N THR A 354 16.49 5.55 -7.48
CA THR A 354 16.58 6.47 -6.37
C THR A 354 17.93 6.34 -5.67
N ALA A 355 18.38 7.46 -5.11
CA ALA A 355 19.66 7.48 -4.38
C ALA A 355 19.78 6.26 -3.49
N THR A 356 21.00 5.71 -3.44
CA THR A 356 21.20 4.48 -2.69
C THR A 356 20.84 4.65 -1.22
N TRP A 357 21.27 5.77 -0.61
CA TRP A 357 20.98 5.98 0.80
C TRP A 357 19.49 6.20 1.02
N ARG A 358 18.78 6.76 0.05
CA ARG A 358 17.34 6.92 0.17
C ARG A 358 16.66 5.56 0.17
N ARG A 359 17.02 4.70 -0.78
N ARG A 359 17.01 4.68 -0.75
CA ARG A 359 16.49 3.35 -0.86
CA ARG A 359 16.35 3.37 -0.77
C ARG A 359 16.83 2.55 0.39
C ARG A 359 16.87 2.45 0.33
N CYS A 360 18.05 2.72 0.90
CA CYS A 360 18.47 1.95 2.07
C CYS A 360 17.76 2.40 3.33
N ALA A 361 17.69 3.72 3.55
CA ALA A 361 16.95 4.24 4.69
C ALA A 361 15.54 3.68 4.72
N ASN A 362 14.87 3.66 3.56
CA ASN A 362 13.52 3.11 3.50
C ASN A 362 13.51 1.63 3.86
N TYR A 363 14.53 0.88 3.44
CA TYR A 363 14.55 -0.54 3.73
C TYR A 363 14.67 -0.80 5.22
N VAL A 364 15.55 -0.06 5.91
CA VAL A 364 15.71 -0.26 7.35
C VAL A 364 14.46 0.20 8.09
N ASN A 365 13.77 1.21 7.58
CA ASN A 365 12.55 1.67 8.22
C ASN A 365 11.42 0.66 8.05
N GLY A 366 11.43 -0.10 6.96
CA GLY A 366 10.37 -1.06 6.71
C GLY A 366 10.54 -2.39 7.42
N ASN A 367 11.78 -2.76 7.74
CA ASN A 367 12.05 -4.00 8.44
C ASN A 367 12.27 -3.80 9.94
N MET A 368 12.50 -2.57 10.38
CA MET A 368 12.73 -2.26 11.79
C MET A 368 11.96 -0.99 12.14
N GLU A 369 10.63 -1.04 11.93
CA GLU A 369 9.83 0.18 12.01
C GLU A 369 9.77 0.74 13.41
N ASN A 370 9.87 -0.10 14.44
CA ASN A 370 9.84 0.40 15.81
C ASN A 370 11.17 1.02 16.21
N ALA A 371 12.29 0.41 15.79
CA ALA A 371 13.59 0.97 16.11
C ALA A 371 13.80 2.29 15.38
N VAL A 372 13.42 2.36 14.10
CA VAL A 372 13.60 3.59 13.34
C VAL A 372 12.60 4.65 13.81
N GLY A 373 11.35 4.25 14.07
CA GLY A 373 10.39 5.19 14.59
C GLY A 373 10.87 5.87 15.87
N ARG A 374 11.54 5.11 16.73
CA ARG A 374 12.13 5.68 17.94
C ARG A 374 13.07 6.83 17.60
N LEU A 375 14.03 6.58 16.70
CA LEU A 375 14.99 7.61 16.32
C LEU A 375 14.32 8.78 15.61
N TYR A 376 13.26 8.52 14.83
CA TYR A 376 12.61 9.59 14.09
C TYR A 376 11.88 10.54 15.02
N VAL A 377 11.13 10.01 15.99
CA VAL A 377 10.38 10.88 16.89
C VAL A 377 11.33 11.63 17.83
N GLU A 378 12.37 10.95 18.31
CA GLU A 378 13.35 11.62 19.16
C GLU A 378 13.94 12.84 18.48
N ALA A 379 14.08 12.78 17.15
CA ALA A 379 14.73 13.85 16.40
C ALA A 379 13.77 14.86 15.80
N ALA A 380 12.56 14.44 15.41
CA ALA A 380 11.73 15.25 14.54
C ALA A 380 10.29 15.44 14.99
N PHE A 381 9.84 14.80 16.07
CA PHE A 381 8.45 14.89 16.49
C PHE A 381 8.34 15.59 17.84
N ALA A 382 7.35 16.47 17.96
CA ALA A 382 7.11 17.25 19.17
C ALA A 382 6.05 16.58 20.02
N GLY A 383 6.26 16.57 21.34
CA GLY A 383 5.29 15.97 22.25
C GLY A 383 4.01 16.77 22.37
N GLU A 384 4.09 18.10 22.19
CA GLU A 384 2.90 18.94 22.31
C GLU A 384 1.81 18.47 21.36
N SER A 385 2.16 18.19 20.12
CA SER A 385 1.15 17.94 19.09
C SER A 385 0.34 16.69 19.36
N LYS A 386 0.90 15.72 20.09
CA LYS A 386 0.20 14.45 20.27
C LYS A 386 -1.17 14.66 20.90
N HIS A 387 -1.28 15.58 21.85
CA HIS A 387 -2.55 15.81 22.52
C HIS A 387 -3.49 16.66 21.69
N VAL A 388 -2.96 17.59 20.91
CA VAL A 388 -3.80 18.43 20.06
C VAL A 388 -4.55 17.57 19.06
N VAL A 389 -3.91 16.53 18.53
CA VAL A 389 -4.54 15.67 17.54
C VAL A 389 -5.59 14.79 18.20
N GLU A 390 -5.30 14.27 19.40
CA GLU A 390 -6.31 13.56 20.17
C GLU A 390 -7.60 14.36 20.22
N ASP A 391 -7.50 15.67 20.47
CA ASP A 391 -8.68 16.52 20.53
C ASP A 391 -9.37 16.57 19.17
N LEU A 392 -8.60 16.77 18.10
CA LEU A 392 -9.18 16.82 16.77
C LEU A 392 -9.95 15.54 16.44
N ILE A 393 -9.42 14.39 16.85
CA ILE A 393 -10.09 13.13 16.58
C ILE A 393 -11.42 13.06 17.34
N ALA A 394 -11.44 13.55 18.57
CA ALA A 394 -12.68 13.58 19.32
C ALA A 394 -13.73 14.45 18.64
N GLN A 395 -13.32 15.63 18.16
CA GLN A 395 -14.26 16.52 17.49
C GLN A 395 -14.84 15.87 16.23
N ILE A 396 -14.01 15.11 15.51
CA ILE A 396 -14.44 14.54 14.24
C ILE A 396 -15.25 13.28 14.46
N ARG A 397 -14.87 12.45 15.44
CA ARG A 397 -15.66 11.27 15.75
C ARG A 397 -17.10 11.66 16.10
N GLU A 398 -17.26 12.74 16.87
CA GLU A 398 -18.60 13.18 17.25
C GLU A 398 -19.35 13.74 16.06
N VAL A 399 -18.68 14.52 15.21
CA VAL A 399 -19.33 15.06 14.01
C VAL A 399 -19.89 13.93 13.15
N PHE A 400 -19.16 12.81 13.07
CA PHE A 400 -19.68 11.66 12.34
C PHE A 400 -20.95 11.13 12.99
N ILE A 401 -20.97 11.04 14.32
CA ILE A 401 -22.12 10.50 15.02
C ILE A 401 -23.32 11.42 14.85
N GLN A 402 -23.13 12.71 15.12
CA GLN A 402 -24.22 13.67 14.95
C GLN A 402 -24.75 13.66 13.53
N THR A 403 -23.86 13.53 12.55
CA THR A 403 -24.28 13.50 11.15
C THR A 403 -25.25 12.35 10.90
N LEU A 404 -25.18 11.28 11.69
CA LEU A 404 -26.09 10.16 11.49
C LEU A 404 -27.55 10.59 11.60
N ASP A 405 -27.85 11.49 12.54
CA ASP A 405 -29.23 11.93 12.72
C ASP A 405 -29.79 12.54 11.44
N ASP A 406 -28.95 13.23 10.69
CA ASP A 406 -29.39 13.95 9.49
C ASP A 406 -29.42 13.07 8.25
N LEU A 407 -28.85 11.86 8.30
CA LEU A 407 -28.87 10.97 7.14
C LEU A 407 -30.26 10.34 7.00
N THR A 408 -30.90 10.59 5.87
CA THR A 408 -32.27 10.14 5.65
C THR A 408 -32.37 8.78 4.97
N TRP A 409 -31.28 8.29 4.38
CA TRP A 409 -31.28 6.99 3.72
C TRP A 409 -30.97 5.84 4.67
N MET A 410 -31.07 6.07 5.98
CA MET A 410 -30.74 5.07 6.97
C MET A 410 -31.83 5.04 8.03
N ASP A 411 -32.20 3.84 8.46
CA ASP A 411 -33.23 3.70 9.49
C ASP A 411 -32.58 3.78 10.88
N ALA A 412 -33.44 3.95 11.89
CA ALA A 412 -32.97 4.23 13.24
C ALA A 412 -32.08 3.13 13.78
N GLU A 413 -32.49 1.87 13.59
CA GLU A 413 -31.74 0.76 14.18
C GLU A 413 -30.36 0.64 13.55
N THR A 414 -30.24 0.90 12.25
CA THR A 414 -28.92 0.85 11.62
C THR A 414 -28.04 2.00 12.10
N LYS A 415 -28.61 3.20 12.27
CA LYS A 415 -27.85 4.31 12.81
C LYS A 415 -27.29 3.96 14.19
N LYS A 416 -28.11 3.35 15.05
CA LYS A 416 -27.66 2.95 16.37
C LYS A 416 -26.46 2.02 16.30
N ARG A 417 -26.51 1.02 15.40
CA ARG A 417 -25.38 0.13 15.23
C ARG A 417 -24.16 0.86 14.68
N ALA A 418 -24.39 1.88 13.83
CA ALA A 418 -23.29 2.66 13.29
C ALA A 418 -22.63 3.50 14.39
N GLU A 419 -23.43 4.08 15.28
CA GLU A 419 -22.86 4.84 16.39
C GLU A 419 -22.02 3.95 17.27
N GLU A 420 -22.39 2.69 17.43
CA GLU A 420 -21.60 1.76 18.23
C GLU A 420 -20.20 1.62 17.65
N LYS A 421 -20.10 1.24 16.38
CA LYS A 421 -18.79 1.07 15.76
C LYS A 421 -17.97 2.35 15.88
N ALA A 422 -18.58 3.49 15.54
CA ALA A 422 -17.87 4.76 15.63
C ALA A 422 -17.30 4.98 17.03
N LEU A 423 -18.13 4.81 18.06
CA LEU A 423 -17.68 5.04 19.41
C LEU A 423 -16.56 4.10 19.83
N ALA A 424 -16.43 2.95 19.17
CA ALA A 424 -15.47 1.93 19.55
C ALA A 424 -14.18 1.98 18.75
N ILE A 425 -14.01 2.97 17.89
CA ILE A 425 -12.81 3.03 17.05
C ILE A 425 -11.61 3.38 17.92
N LYS A 426 -10.56 2.58 17.81
CA LYS A 426 -9.33 2.78 18.57
C LYS A 426 -8.42 3.74 17.82
N GLU A 427 -7.97 4.79 18.49
CA GLU A 427 -7.10 5.79 17.91
C GLU A 427 -5.65 5.54 18.32
N ARG A 428 -4.73 5.75 17.38
CA ARG A 428 -3.29 5.65 17.64
C ARG A 428 -2.64 6.89 17.03
N ILE A 429 -2.06 7.73 17.87
CA ILE A 429 -1.53 9.03 17.45
C ILE A 429 -0.04 9.06 17.69
N GLY A 430 0.72 9.36 16.63
CA GLY A 430 2.14 9.65 16.77
C GLY A 430 3.02 8.43 16.79
N TYR A 431 3.12 7.78 17.94
CA TYR A 431 3.98 6.61 18.10
C TYR A 431 3.60 5.91 19.39
N PRO A 432 3.90 4.62 19.52
CA PRO A 432 3.71 3.93 20.80
C PRO A 432 4.79 4.35 21.78
N ASP A 433 4.37 4.80 22.96
CA ASP A 433 5.33 5.35 23.92
C ASP A 433 6.46 4.37 24.24
N ASP A 434 6.18 3.06 24.21
CA ASP A 434 7.14 2.10 24.72
C ASP A 434 8.31 1.83 23.77
N ILE A 435 8.30 2.38 22.56
CA ILE A 435 9.50 2.27 21.73
C ILE A 435 10.58 3.22 22.22
N VAL A 436 10.20 4.24 23.00
CA VAL A 436 11.15 5.23 23.50
C VAL A 436 11.53 4.91 24.94
N SER A 437 10.61 4.29 25.69
CA SER A 437 10.79 4.11 27.12
C SER A 437 11.10 2.69 27.55
N ASN A 438 10.74 1.69 26.74
CA ASN A 438 10.98 0.28 27.09
C ASN A 438 12.05 -0.25 26.15
N ASP A 439 13.31 -0.13 26.58
CA ASP A 439 14.42 -0.61 25.76
C ASP A 439 14.40 -2.13 25.67
N ASN A 440 14.06 -2.82 26.76
CA ASN A 440 14.04 -4.28 26.75
C ASN A 440 13.10 -4.82 25.69
N LYS A 441 11.86 -4.35 25.69
CA LYS A 441 10.88 -4.81 24.70
C LYS A 441 11.39 -4.57 23.29
N LEU A 442 12.04 -3.43 23.05
CA LEU A 442 12.51 -3.11 21.71
C LEU A 442 13.69 -3.99 21.32
N ASN A 443 14.62 -4.21 22.25
CA ASN A 443 15.76 -5.08 21.96
C ASN A 443 15.30 -6.49 21.64
N ASN A 444 14.29 -6.99 22.37
CA ASN A 444 13.84 -8.36 22.16
C ASN A 444 13.13 -8.54 20.83
N GLU A 445 12.53 -7.47 20.30
CA GLU A 445 11.83 -7.59 19.03
C GLU A 445 12.76 -8.02 17.91
N TYR A 446 14.04 -7.65 17.97
CA TYR A 446 15.02 -8.00 16.95
C TYR A 446 16.12 -8.90 17.51
N LEU A 447 15.87 -9.57 18.64
CA LEU A 447 16.94 -10.29 19.33
C LEU A 447 17.52 -11.40 18.45
N GLU A 448 16.67 -12.10 17.70
CA GLU A 448 17.10 -13.22 16.87
C GLU A 448 17.61 -12.78 15.50
N LEU A 449 17.85 -11.49 15.31
CA LEU A 449 18.47 -10.98 14.10
C LEU A 449 19.91 -10.58 14.40
N ASN A 450 20.82 -10.93 13.48
CA ASN A 450 22.23 -10.64 13.62
C ASN A 450 22.79 -10.30 12.25
N TYR A 451 23.25 -9.06 12.08
CA TYR A 451 23.60 -8.53 10.78
C TYR A 451 25.11 -8.47 10.61
N LYS A 452 25.60 -9.05 9.52
CA LYS A 452 26.97 -8.83 9.07
C LYS A 452 27.03 -7.58 8.21
N GLU A 453 28.07 -6.77 8.40
CA GLU A 453 28.14 -5.49 7.72
C GLU A 453 28.61 -5.63 6.27
N ASP A 454 29.43 -6.64 5.97
CA ASP A 454 29.90 -6.87 4.61
C ASP A 454 29.03 -7.86 3.85
N GLU A 455 27.84 -8.20 4.37
CA GLU A 455 26.99 -9.22 3.78
C GLU A 455 25.56 -8.69 3.73
N TYR A 456 25.32 -7.73 2.83
CA TYR A 456 23.98 -7.15 2.71
C TYR A 456 22.98 -8.17 2.19
N PHE A 457 23.39 -9.06 1.29
CA PHE A 457 22.46 -10.06 0.76
C PHE A 457 22.02 -11.04 1.84
N GLU A 458 22.96 -11.47 2.69
CA GLU A 458 22.60 -12.34 3.81
C GLU A 458 21.59 -11.65 4.73
N ASN A 459 21.67 -10.32 4.84
CA ASN A 459 20.79 -9.61 5.76
C ASN A 459 19.36 -9.52 5.21
N ILE A 460 19.21 -9.26 3.91
CA ILE A 460 17.86 -9.17 3.34
C ILE A 460 17.20 -10.54 3.35
N ILE A 461 17.97 -11.60 3.08
CA ILE A 461 17.42 -12.95 3.13
C ILE A 461 17.03 -13.30 4.55
N GLN A 462 17.84 -12.89 5.52
CA GLN A 462 17.51 -13.12 6.93
C GLN A 462 16.19 -12.44 7.29
N ASN A 463 15.97 -11.21 6.80
CA ASN A 463 14.73 -10.51 7.10
C ASN A 463 13.53 -11.18 6.45
N LEU A 464 13.72 -11.81 5.29
CA LEU A 464 12.63 -12.56 4.68
C LEU A 464 12.24 -13.75 5.55
N LYS A 465 13.23 -14.50 6.04
CA LYS A 465 12.95 -15.65 6.89
C LYS A 465 12.34 -15.23 8.21
N PHE A 466 12.89 -14.17 8.83
CA PHE A 466 12.34 -13.68 10.09
C PHE A 466 10.94 -13.11 9.92
N SER A 467 10.66 -12.49 8.77
CA SER A 467 9.34 -11.90 8.56
C SER A 467 8.29 -12.97 8.31
N GLN A 468 8.64 -14.03 7.55
CA GLN A 468 7.68 -15.09 7.28
C GLN A 468 7.52 -16.01 8.48
N SER A 469 8.63 -16.37 9.15
CA SER A 469 8.54 -17.17 10.35
C SER A 469 7.67 -16.48 11.39
N LYS A 470 7.95 -15.20 11.67
CA LYS A 470 7.14 -14.45 12.62
C LYS A 470 5.65 -14.52 12.29
N GLN A 471 5.31 -14.60 10.99
CA GLN A 471 3.90 -14.58 10.61
C GLN A 471 3.26 -15.96 10.72
N LEU A 472 4.02 -17.03 10.50
CA LEU A 472 3.43 -18.36 10.50
C LEU A 472 3.09 -18.86 11.90
N LYS A 473 3.88 -18.47 12.91
CA LYS A 473 3.61 -18.91 14.27
C LYS A 473 2.50 -18.13 14.95
N LYS A 474 1.80 -17.27 14.23
CA LYS A 474 0.63 -16.59 14.77
C LYS A 474 -0.66 -17.41 14.62
N LEU A 475 -0.58 -18.59 13.99
CA LEU A 475 -1.79 -19.33 13.66
C LEU A 475 -2.60 -19.67 14.90
N ARG A 476 -1.96 -20.23 15.92
CA ARG A 476 -2.63 -20.61 17.15
C ARG A 476 -2.62 -19.52 18.21
N GLU A 477 -2.14 -18.33 17.88
CA GLU A 477 -2.01 -17.24 18.83
C GLU A 477 -3.16 -16.25 18.68
N LYS A 478 -3.43 -15.52 19.76
CA LYS A 478 -4.44 -14.48 19.73
C LYS A 478 -3.86 -13.22 19.09
N VAL A 479 -4.75 -12.46 18.45
CA VAL A 479 -4.35 -11.18 17.87
C VAL A 479 -3.97 -10.22 19.00
N ASP A 480 -2.73 -9.75 18.97
CA ASP A 480 -2.28 -8.75 19.93
C ASP A 480 -2.96 -7.42 19.63
N LYS A 481 -3.76 -6.94 20.58
CA LYS A 481 -4.52 -5.70 20.37
C LYS A 481 -3.63 -4.48 20.42
N ASP A 482 -2.56 -4.52 21.21
CA ASP A 482 -1.68 -3.35 21.36
C ASP A 482 -0.92 -3.03 20.08
N GLU A 483 -0.75 -4.01 19.19
CA GLU A 483 0.06 -3.82 18.00
C GLU A 483 -0.47 -2.65 17.16
N TRP A 484 0.44 -1.76 16.79
CA TRP A 484 0.11 -0.69 15.85
C TRP A 484 0.17 -1.22 14.42
N ILE A 485 -0.64 -0.62 13.54
CA ILE A 485 -0.74 -1.07 12.17
C ILE A 485 0.21 -0.27 11.28
N SER A 486 1.11 0.50 11.88
CA SER A 486 2.02 1.31 11.11
C SER A 486 3.13 1.84 12.02
N GLY A 487 4.35 1.88 11.49
CA GLY A 487 5.42 2.57 12.16
C GLY A 487 5.17 4.06 12.19
N ALA A 488 5.98 4.76 12.99
CA ALA A 488 5.80 6.18 13.22
C ALA A 488 6.46 7.06 12.16
N ALA A 489 7.47 6.54 11.47
CA ALA A 489 8.19 7.32 10.45
C ALA A 489 7.55 7.13 9.08
N VAL A 490 6.26 7.45 9.02
CA VAL A 490 5.44 7.26 7.82
C VAL A 490 4.65 8.53 7.57
N VAL A 491 4.66 8.99 6.32
CA VAL A 491 3.80 10.10 5.92
C VAL A 491 2.54 9.50 5.30
N ASN A 492 1.61 9.05 6.14
CA ASN A 492 0.35 8.48 5.70
C ASN A 492 -0.50 8.24 6.94
N ALA A 493 -1.74 7.79 6.71
CA ALA A 493 -2.63 7.35 7.78
C ALA A 493 -3.35 6.10 7.30
N PHE A 494 -3.92 5.35 8.23
CA PHE A 494 -4.43 4.03 7.91
C PHE A 494 -5.69 3.71 8.71
N TYR A 495 -6.40 2.69 8.25
CA TYR A 495 -7.53 2.12 8.98
C TYR A 495 -7.51 0.61 8.83
N SER A 496 -7.71 -0.10 9.94
CA SER A 496 -7.80 -1.55 9.95
C SER A 496 -9.23 -1.96 10.31
N SER A 497 -9.89 -2.69 9.40
CA SER A 497 -11.23 -3.17 9.69
C SER A 497 -11.21 -4.32 10.68
N GLY A 498 -10.20 -5.19 10.59
CA GLY A 498 -10.08 -6.30 11.53
C GLY A 498 -9.83 -5.87 12.96
N ARG A 499 -9.27 -4.67 13.15
CA ARG A 499 -9.04 -4.13 14.48
C ARG A 499 -9.92 -2.92 14.78
N ASN A 500 -10.62 -2.38 13.79
CA ASN A 500 -11.36 -1.13 13.92
C ASN A 500 -10.49 -0.07 14.61
N GLN A 501 -9.46 0.34 13.87
CA GLN A 501 -8.42 1.21 14.40
C GLN A 501 -7.95 2.19 13.34
N ILE A 502 -7.96 3.47 13.70
CA ILE A 502 -7.41 4.54 12.87
C ILE A 502 -6.06 4.93 13.44
N VAL A 503 -5.09 5.22 12.56
CA VAL A 503 -3.74 5.53 12.99
C VAL A 503 -3.22 6.73 12.20
N PHE A 504 -2.48 7.60 12.90
CA PHE A 504 -1.93 8.82 12.31
C PHE A 504 -0.49 8.94 12.77
N PRO A 505 0.43 8.28 12.07
CA PRO A 505 1.85 8.34 12.47
C PRO A 505 2.38 9.76 12.56
N ALA A 506 3.47 9.89 13.31
CA ALA A 506 4.13 11.20 13.44
C ALA A 506 4.43 11.81 12.08
N GLY A 507 4.81 10.98 11.11
CA GLY A 507 5.27 11.49 9.83
C GLY A 507 4.25 12.36 9.12
N ILE A 508 2.95 12.12 9.34
CA ILE A 508 1.90 12.90 8.69
C ILE A 508 1.42 14.04 9.57
N LEU A 509 1.91 14.15 10.80
CA LEU A 509 1.49 15.22 11.71
C LEU A 509 2.46 16.40 11.59
N GLN A 510 2.51 16.95 10.40
CA GLN A 510 3.33 18.13 10.09
C GLN A 510 2.62 18.90 8.98
N PRO A 511 3.04 20.15 8.74
CA PRO A 511 2.43 20.89 7.64
C PRO A 511 2.64 20.17 6.32
N PRO A 512 1.72 20.35 5.37
CA PRO A 512 0.53 21.22 5.43
C PRO A 512 -0.63 20.64 6.22
N PHE A 513 -0.53 19.37 6.60
CA PHE A 513 -1.64 18.71 7.28
C PHE A 513 -1.93 19.35 8.63
N PHE A 514 -0.92 19.42 9.50
CA PHE A 514 -1.15 19.85 10.87
C PHE A 514 0.05 20.58 11.45
N SER A 515 -0.22 21.51 12.35
CA SER A 515 0.77 22.16 13.19
C SER A 515 0.03 22.91 14.30
N ALA A 516 0.52 22.77 15.53
CA ALA A 516 -0.12 23.43 16.66
C ALA A 516 -0.10 24.94 16.55
N GLN A 517 0.63 25.52 15.59
CA GLN A 517 0.77 26.96 15.48
C GLN A 517 0.16 27.55 14.21
N GLN A 518 -0.23 26.74 13.24
CA GLN A 518 -0.85 27.29 12.03
C GLN A 518 -2.35 27.43 12.24
N SER A 519 -2.99 28.15 11.32
CA SER A 519 -4.40 28.47 11.46
C SER A 519 -5.24 27.21 11.45
N ASN A 520 -6.28 27.18 12.29
CA ASN A 520 -7.13 26.00 12.41
C ASN A 520 -7.79 25.66 11.09
N SER A 521 -8.18 26.68 10.31
CA SER A 521 -8.76 26.42 8.99
C SER A 521 -7.89 25.45 8.19
N LEU A 522 -6.57 25.58 8.32
CA LEU A 522 -5.66 24.70 7.61
C LEU A 522 -5.56 23.32 8.28
N ASN A 523 -5.61 23.29 9.61
CA ASN A 523 -5.55 22.01 10.32
C ASN A 523 -6.76 21.15 9.97
N TYR A 524 -7.97 21.69 10.13
CA TYR A 524 -9.17 20.91 9.82
C TYR A 524 -9.17 20.46 8.36
N GLY A 525 -8.90 21.39 7.44
CA GLY A 525 -8.84 21.03 6.03
C GLY A 525 -7.70 20.11 5.67
N GLY A 526 -6.71 19.99 6.55
CA GLY A 526 -5.55 19.13 6.34
C GLY A 526 -5.71 17.84 7.10
N ILE A 527 -5.22 17.81 8.34
CA ILE A 527 -5.27 16.58 9.13
C ILE A 527 -6.70 16.21 9.46
N GLY A 528 -7.57 17.20 9.66
CA GLY A 528 -8.96 16.90 9.95
C GLY A 528 -9.61 16.07 8.85
N MET A 529 -9.48 16.51 7.60
CA MET A 529 -10.03 15.75 6.48
C MET A 529 -9.46 14.34 6.44
N VAL A 530 -8.17 14.20 6.76
CA VAL A 530 -7.54 12.88 6.76
C VAL A 530 -8.12 12.01 7.86
N ILE A 531 -8.40 12.60 9.03
CA ILE A 531 -9.00 11.83 10.11
C ILE A 531 -10.37 11.31 9.68
N GLY A 532 -11.25 12.20 9.21
CA GLY A 532 -12.55 11.77 8.74
C GLY A 532 -12.45 10.74 7.64
N HIS A 533 -11.43 10.85 6.79
CA HIS A 533 -11.18 9.83 5.78
C HIS A 533 -10.98 8.47 6.41
N GLU A 534 -10.12 8.39 7.43
CA GLU A 534 -9.80 7.11 8.04
C GLU A 534 -10.99 6.57 8.84
N ILE A 535 -11.75 7.45 9.49
CA ILE A 535 -12.96 7.02 10.19
C ILE A 535 -13.98 6.47 9.19
N THR A 536 -14.22 7.20 8.11
CA THR A 536 -15.20 6.78 7.12
C THR A 536 -14.80 5.48 6.44
N HIS A 537 -13.53 5.09 6.52
CA HIS A 537 -13.12 3.79 5.97
C HIS A 537 -13.79 2.64 6.70
N GLY A 538 -14.14 2.84 7.97
CA GLY A 538 -14.93 1.86 8.68
C GLY A 538 -16.36 1.74 8.21
N PHE A 539 -16.77 2.55 7.23
CA PHE A 539 -18.15 2.55 6.77
C PHE A 539 -18.29 2.59 5.25
N ASP A 540 -17.21 2.33 4.50
CA ASP A 540 -17.29 2.37 3.05
C ASP A 540 -17.83 1.02 2.55
N ASP A 541 -17.75 0.80 1.24
CA ASP A 541 -18.29 -0.42 0.65
C ASP A 541 -17.65 -1.67 1.24
N ASN A 542 -16.46 -1.56 1.82
CA ASN A 542 -15.77 -2.70 2.43
C ASN A 542 -15.84 -2.66 3.96
N GLY A 543 -15.59 -1.50 4.56
CA GLY A 543 -15.50 -1.40 6.01
C GLY A 543 -16.83 -1.51 6.72
N ARG A 544 -17.94 -1.22 6.03
CA ARG A 544 -19.25 -1.31 6.66
C ARG A 544 -19.64 -2.75 6.99
N ASN A 545 -18.98 -3.73 6.38
CA ASN A 545 -19.29 -5.13 6.62
C ASN A 545 -18.69 -5.67 7.91
N PHE A 546 -17.87 -4.88 8.60
CA PHE A 546 -17.24 -5.31 9.84
C PHE A 546 -17.86 -4.54 11.00
N ASN A 547 -18.03 -5.21 12.13
CA ASN A 547 -18.71 -4.62 13.28
C ASN A 547 -17.71 -3.87 14.15
N LYS A 548 -18.12 -3.53 15.37
CA LYS A 548 -17.28 -2.73 16.26
C LYS A 548 -16.03 -3.47 16.70
N ASP A 549 -16.05 -4.80 16.70
CA ASP A 549 -14.94 -5.60 17.16
C ASP A 549 -14.07 -6.14 16.03
N GLY A 550 -14.39 -5.81 14.78
CA GLY A 550 -13.60 -6.25 13.66
C GLY A 550 -14.06 -7.54 13.01
N ASP A 551 -15.30 -7.95 13.24
CA ASP A 551 -15.82 -9.20 12.71
C ASP A 551 -16.69 -8.93 11.48
N LEU A 552 -16.53 -9.79 10.47
CA LEU A 552 -17.26 -9.66 9.21
C LEU A 552 -18.67 -10.20 9.40
N VAL A 553 -19.52 -9.35 10.00
CA VAL A 553 -20.91 -9.72 10.27
C VAL A 553 -21.81 -8.58 9.80
N ASP A 554 -23.02 -8.94 9.38
CA ASP A 554 -23.98 -7.97 8.87
C ASP A 554 -24.68 -7.25 10.01
N TRP A 555 -24.62 -5.92 10.00
CA TRP A 555 -25.37 -5.10 10.96
C TRP A 555 -26.22 -4.06 10.25
N TRP A 556 -26.53 -4.27 8.97
CA TRP A 556 -27.35 -3.36 8.18
C TRP A 556 -28.69 -3.99 7.88
N THR A 557 -29.76 -3.21 8.01
CA THR A 557 -31.07 -3.66 7.55
C THR A 557 -31.06 -3.82 6.03
N GLN A 558 -31.95 -4.68 5.54
CA GLN A 558 -32.06 -4.88 4.10
C GLN A 558 -32.23 -3.55 3.38
N GLN A 559 -32.97 -2.61 3.98
CA GLN A 559 -33.28 -1.37 3.30
C GLN A 559 -32.10 -0.40 3.33
N SER A 560 -31.47 -0.24 4.50
CA SER A 560 -30.32 0.65 4.61
C SER A 560 -29.18 0.18 3.71
N ALA A 561 -28.98 -1.14 3.63
CA ALA A 561 -27.94 -1.66 2.75
C ALA A 561 -28.26 -1.37 1.29
N SER A 562 -29.51 -1.61 0.88
CA SER A 562 -29.91 -1.27 -0.49
C SER A 562 -29.70 0.21 -0.77
N ASN A 563 -29.94 1.06 0.24
CA ASN A 563 -29.80 2.50 0.03
C ASN A 563 -28.34 2.90 -0.03
N PHE A 564 -27.48 2.27 0.76
CA PHE A 564 -26.04 2.55 0.69
C PHE A 564 -25.53 2.31 -0.73
N LYS A 565 -25.83 1.14 -1.30
CA LYS A 565 -25.46 0.88 -2.68
C LYS A 565 -26.06 1.92 -3.60
N GLU A 566 -27.35 2.25 -3.38
CA GLU A 566 -28.01 3.25 -4.20
C GLU A 566 -27.29 4.60 -4.11
N GLN A 567 -26.99 5.03 -2.90
CA GLN A 567 -26.30 6.32 -2.72
C GLN A 567 -24.90 6.27 -3.31
N SER A 568 -24.13 5.25 -2.98
CA SER A 568 -22.75 5.17 -3.45
C SER A 568 -22.66 4.98 -4.97
N GLN A 569 -23.73 4.49 -5.60
CA GLN A 569 -23.70 4.34 -7.05
C GLN A 569 -23.49 5.67 -7.76
N CYS A 570 -23.85 6.78 -7.12
CA CYS A 570 -23.63 8.09 -7.72
C CYS A 570 -22.14 8.36 -7.92
N MET A 571 -21.34 8.09 -6.88
CA MET A 571 -19.90 8.29 -7.00
C MET A 571 -19.27 7.33 -8.00
N VAL A 572 -19.85 6.15 -8.17
CA VAL A 572 -19.35 5.22 -9.18
C VAL A 572 -19.45 5.83 -10.57
N TYR A 573 -20.60 6.45 -10.86
CA TYR A 573 -20.79 7.06 -12.18
C TYR A 573 -19.98 8.35 -12.29
N GLN A 574 -19.91 9.14 -11.22
CA GLN A 574 -19.15 10.38 -11.26
C GLN A 574 -17.70 10.14 -11.67
N TYR A 575 -16.97 9.37 -10.86
CA TYR A 575 -15.54 9.20 -11.10
C TYR A 575 -15.27 8.34 -12.32
N GLY A 576 -16.13 7.36 -12.61
CA GLY A 576 -15.98 6.56 -13.81
C GLY A 576 -16.11 7.34 -15.10
N ASN A 577 -16.63 8.57 -15.04
CA ASN A 577 -16.70 9.44 -16.20
C ASN A 577 -15.51 10.38 -16.31
N PHE A 578 -14.62 10.40 -15.32
CA PHE A 578 -13.42 11.21 -15.39
C PHE A 578 -12.40 10.54 -16.31
N SER A 579 -11.97 11.25 -17.34
CA SER A 579 -10.91 10.79 -18.22
C SER A 579 -9.58 11.38 -17.77
N TRP A 580 -8.54 10.54 -17.78
CA TRP A 580 -7.21 10.91 -17.32
C TRP A 580 -6.30 11.03 -18.54
N ASP A 581 -5.96 12.26 -18.91
CA ASP A 581 -5.12 12.46 -20.10
C ASP A 581 -3.78 11.74 -19.96
N LEU A 582 -3.19 11.78 -18.77
CA LEU A 582 -1.89 11.14 -18.57
C LEU A 582 -1.98 9.63 -18.78
N ALA A 583 -3.12 9.03 -18.46
CA ALA A 583 -3.33 7.61 -18.69
C ALA A 583 -3.79 7.31 -20.11
N GLY A 584 -3.67 8.28 -21.02
CA GLY A 584 -4.11 8.09 -22.38
C GLY A 584 -5.59 8.34 -22.60
N GLY A 585 -6.18 9.28 -21.86
CA GLY A 585 -7.60 9.53 -21.97
C GLY A 585 -8.48 8.42 -21.47
N GLN A 586 -7.91 7.39 -20.85
CA GLN A 586 -8.71 6.33 -20.26
C GLN A 586 -9.61 6.90 -19.16
N HIS A 587 -10.67 6.16 -18.86
CA HIS A 587 -11.55 6.49 -17.75
C HIS A 587 -11.07 5.82 -16.47
N LEU A 588 -11.29 6.48 -15.34
CA LEU A 588 -11.01 5.87 -14.06
C LEU A 588 -11.96 4.71 -13.82
N ASN A 589 -11.53 3.77 -12.98
CA ASN A 589 -12.36 2.64 -12.57
C ASN A 589 -13.14 3.08 -11.34
N GLY A 590 -14.38 3.56 -11.56
CA GLY A 590 -15.19 4.06 -10.47
C GLY A 590 -15.54 3.02 -9.42
N ILE A 591 -15.50 1.74 -9.78
CA ILE A 591 -15.78 0.69 -8.82
C ILE A 591 -14.59 0.47 -7.89
N ASN A 592 -13.41 0.27 -8.47
CA ASN A 592 -12.22 0.01 -7.67
C ASN A 592 -11.84 1.21 -6.80
N THR A 593 -12.28 2.42 -7.17
CA THR A 593 -11.96 3.62 -6.40
C THR A 593 -13.12 4.10 -5.55
N LEU A 594 -14.20 3.31 -5.45
CA LEU A 594 -15.38 3.80 -4.74
C LEU A 594 -15.10 3.99 -3.27
N GLY A 595 -14.52 2.97 -2.62
CA GLY A 595 -14.28 3.07 -1.19
C GLY A 595 -13.45 4.28 -0.81
N GLU A 596 -12.45 4.61 -1.64
CA GLU A 596 -11.60 5.75 -1.34
C GLU A 596 -12.31 7.07 -1.59
N ASN A 597 -13.14 7.14 -2.64
CA ASN A 597 -13.89 8.36 -2.91
C ASN A 597 -14.94 8.60 -1.84
N ILE A 598 -15.58 7.53 -1.35
CA ILE A 598 -16.48 7.67 -0.21
C ILE A 598 -15.75 8.29 0.96
N ALA A 599 -14.57 7.77 1.29
CA ALA A 599 -13.79 8.32 2.38
C ALA A 599 -13.41 9.77 2.12
N ASP A 600 -13.04 10.10 0.87
CA ASP A 600 -12.65 11.46 0.55
C ASP A 600 -13.83 12.42 0.70
N ASN A 601 -15.00 12.05 0.18
CA ASN A 601 -16.17 12.92 0.26
C ASN A 601 -16.69 13.01 1.69
N GLY A 602 -16.78 11.88 2.38
CA GLY A 602 -17.23 11.92 3.76
C GLY A 602 -16.27 12.68 4.66
N GLY A 603 -14.98 12.35 4.58
CA GLY A 603 -14.01 12.97 5.46
C GLY A 603 -13.96 14.48 5.33
N LEU A 604 -14.02 14.99 4.10
CA LEU A 604 -13.98 16.43 3.89
C LEU A 604 -15.20 17.10 4.51
N GLY A 605 -16.38 16.54 4.26
CA GLY A 605 -17.59 17.12 4.83
C GLY A 605 -17.59 17.11 6.35
N GLN A 606 -17.00 16.08 6.94
CA GLN A 606 -16.95 15.98 8.39
C GLN A 606 -15.94 16.95 8.98
N ALA A 607 -14.84 17.23 8.27
CA ALA A 607 -13.87 18.20 8.76
C ALA A 607 -14.43 19.62 8.72
N TYR A 608 -15.17 19.95 7.65
CA TYR A 608 -15.76 21.27 7.53
C TYR A 608 -16.76 21.53 8.66
N ARG A 609 -17.62 20.55 8.96
CA ARG A 609 -18.57 20.72 10.04
C ARG A 609 -17.86 20.89 11.39
N ALA A 610 -16.73 20.21 11.57
CA ALA A 610 -15.97 20.38 12.81
C ALA A 610 -15.32 21.76 12.87
N TYR A 611 -14.96 22.33 11.71
CA TYR A 611 -14.43 23.70 11.70
C TYR A 611 -15.54 24.72 11.92
N GLN A 612 -16.71 24.49 11.34
CA GLN A 612 -17.87 25.30 11.66
C GLN A 612 -18.14 25.30 13.17
N ASN A 613 -18.18 24.11 13.76
CA ASN A 613 -18.39 24.00 15.20
C ASN A 613 -17.30 24.73 15.97
N TYR A 614 -16.06 24.64 15.49
CA TYR A 614 -14.97 25.36 16.13
C TYR A 614 -15.21 26.87 16.09
N ILE A 615 -15.55 27.39 14.91
CA ILE A 615 -15.86 28.82 14.79
C ILE A 615 -16.97 29.19 15.76
N LYS A 616 -17.98 28.33 15.90
CA LYS A 616 -19.10 28.63 16.77
C LYS A 616 -18.64 28.87 18.21
N LYS A 617 -17.73 28.03 18.71
CA LYS A 617 -17.26 28.17 20.07
C LYS A 617 -16.28 29.33 20.20
N ASN A 618 -15.27 29.37 19.32
CA ASN A 618 -14.13 30.27 19.50
C ASN A 618 -14.15 31.49 18.60
N GLY A 619 -15.07 31.55 17.63
CA GLY A 619 -15.14 32.69 16.74
C GLY A 619 -14.10 32.65 15.63
N GLU A 620 -14.08 33.72 14.86
CA GLU A 620 -13.24 33.79 13.67
C GLU A 620 -11.76 33.83 14.06
N GLU A 621 -10.91 33.66 13.04
CA GLU A 621 -9.47 33.65 13.19
C GLU A 621 -8.86 34.86 12.52
N LYS A 622 -7.66 35.24 12.98
CA LYS A 622 -6.91 36.30 12.34
C LYS A 622 -6.56 35.89 10.91
N LEU A 623 -6.92 36.74 9.95
CA LEU A 623 -6.74 36.43 8.54
C LEU A 623 -5.26 36.30 8.19
N LEU A 624 -4.99 35.56 7.08
CA LEU A 624 -3.62 35.39 6.64
C LEU A 624 -3.19 36.56 5.75
N PRO A 625 -1.90 36.91 5.78
CA PRO A 625 -1.43 38.02 4.95
C PRO A 625 -1.11 37.58 3.54
N GLY A 626 -1.29 38.51 2.60
CA GLY A 626 -0.98 38.26 1.21
C GLY A 626 -2.03 37.49 0.43
N LEU A 627 -3.10 37.04 1.09
CA LEU A 627 -4.14 36.25 0.47
C LEU A 627 -5.47 36.97 0.62
N ASP A 628 -6.13 37.24 -0.51
CA ASP A 628 -7.48 37.82 -0.48
C ASP A 628 -8.53 36.73 -0.32
N LEU A 629 -8.35 35.89 0.69
CA LEU A 629 -9.21 34.73 0.91
C LEU A 629 -9.64 34.71 2.36
N ASN A 630 -10.91 34.41 2.60
CA ASN A 630 -11.39 34.22 3.96
C ASN A 630 -10.99 32.81 4.44
N HIS A 631 -11.29 32.51 5.71
CA HIS A 631 -10.81 31.27 6.29
C HIS A 631 -11.58 30.05 5.79
N LYS A 632 -12.85 30.21 5.42
CA LYS A 632 -13.58 29.10 4.81
C LYS A 632 -12.96 28.73 3.47
N GLN A 633 -12.51 29.73 2.70
CA GLN A 633 -11.84 29.47 1.45
C GLN A 633 -10.47 28.85 1.67
N LEU A 634 -9.79 29.21 2.76
CA LEU A 634 -8.50 28.59 3.05
C LEU A 634 -8.65 27.14 3.46
N PHE A 635 -9.75 26.80 4.13
CA PHE A 635 -10.02 25.40 4.45
C PHE A 635 -9.95 24.53 3.21
N PHE A 636 -10.67 24.94 2.16
CA PHE A 636 -10.69 24.15 0.93
C PHE A 636 -9.37 24.29 0.15
N LEU A 637 -8.68 25.42 0.30
CA LEU A 637 -7.42 25.59 -0.40
C LEU A 637 -6.35 24.66 0.14
N ASN A 638 -6.24 24.56 1.47
CA ASN A 638 -5.24 23.67 2.04
C ASN A 638 -5.57 22.21 1.74
N PHE A 639 -6.84 21.82 1.86
CA PHE A 639 -7.25 20.48 1.47
C PHE A 639 -6.82 20.18 0.04
N ALA A 640 -6.95 21.16 -0.86
CA ALA A 640 -6.57 20.95 -2.25
C ALA A 640 -5.06 20.81 -2.40
N GLN A 641 -4.30 21.61 -1.66
CA GLN A 641 -2.85 21.59 -1.81
C GLN A 641 -2.21 20.35 -1.19
N VAL A 642 -2.94 19.63 -0.33
CA VAL A 642 -2.48 18.33 0.13
C VAL A 642 -2.26 17.38 -1.04
N TRP A 643 -2.93 17.61 -2.16
CA TRP A 643 -2.95 16.67 -3.27
C TRP A 643 -2.25 17.18 -4.52
N CYS A 644 -1.61 18.36 -4.44
CA CYS A 644 -0.84 18.86 -5.59
C CYS A 644 0.18 17.81 -6.01
N GLY A 645 0.19 17.51 -7.31
CA GLY A 645 1.10 16.52 -7.83
C GLY A 645 0.75 16.17 -9.25
N THR A 646 1.57 15.29 -9.82
CA THR A 646 1.40 14.86 -11.20
C THR A 646 2.07 13.50 -11.36
N TYR A 647 1.76 12.83 -12.46
CA TYR A 647 2.19 11.47 -12.71
C TYR A 647 2.96 11.39 -14.02
N ARG A 648 3.87 10.44 -14.11
CA ARG A 648 4.42 10.08 -15.41
C ARG A 648 3.39 9.25 -16.17
N PRO A 649 3.29 9.43 -17.50
CA PRO A 649 2.28 8.66 -18.25
C PRO A 649 2.43 7.16 -18.10
N GLU A 650 3.66 6.65 -18.04
CA GLU A 650 3.85 5.22 -17.87
C GLU A 650 3.23 4.73 -16.56
N TYR A 651 3.33 5.53 -15.50
CA TYR A 651 2.80 5.14 -14.21
C TYR A 651 1.34 5.54 -14.02
N ALA A 652 0.83 6.49 -14.81
CA ALA A 652 -0.61 6.72 -14.84
C ALA A 652 -1.33 5.49 -15.39
N VAL A 653 -0.74 4.85 -16.40
CA VAL A 653 -1.26 3.57 -16.89
C VAL A 653 -1.16 2.50 -15.81
N ASN A 654 -0.09 2.55 -15.02
CA ASN A 654 0.08 1.58 -13.92
C ASN A 654 -0.94 1.81 -12.82
N SER A 655 -1.10 3.06 -12.38
CA SER A 655 -1.90 3.33 -11.19
C SER A 655 -3.40 3.31 -11.48
N ILE A 656 -3.82 3.64 -12.70
CA ILE A 656 -5.24 3.63 -13.01
C ILE A 656 -5.82 2.23 -12.89
N LYS A 657 -4.98 1.20 -13.00
CA LYS A 657 -5.41 -0.18 -12.84
C LYS A 657 -5.12 -0.74 -11.45
N THR A 658 -4.13 -0.18 -10.74
CA THR A 658 -3.68 -0.77 -9.48
C THR A 658 -3.92 0.09 -8.25
N ASP A 659 -4.10 1.40 -8.40
CA ASP A 659 -4.32 2.28 -7.25
C ASP A 659 -5.82 2.35 -6.96
N VAL A 660 -6.21 1.96 -5.75
CA VAL A 660 -7.60 2.11 -5.33
C VAL A 660 -7.98 3.55 -5.07
N HIS A 661 -7.01 4.45 -5.01
CA HIS A 661 -7.28 5.87 -4.89
C HIS A 661 -7.51 6.49 -6.25
N SER A 662 -8.27 7.58 -6.27
CA SER A 662 -8.32 8.39 -7.48
C SER A 662 -7.04 9.21 -7.59
N PRO A 663 -6.62 9.53 -8.81
CA PRO A 663 -5.48 10.44 -8.96
C PRO A 663 -5.73 11.73 -8.20
N GLY A 664 -4.64 12.35 -7.73
CA GLY A 664 -4.77 13.51 -6.86
C GLY A 664 -5.68 14.58 -7.42
N ASN A 665 -5.65 14.79 -8.75
CA ASN A 665 -6.44 15.87 -9.33
C ASN A 665 -7.94 15.57 -9.27
N PHE A 666 -8.34 14.30 -9.40
CA PHE A 666 -9.76 13.95 -9.38
C PHE A 666 -10.30 13.78 -7.97
N ARG A 667 -9.43 13.62 -6.97
CA ARG A 667 -9.89 13.71 -5.59
C ARG A 667 -10.33 15.12 -5.26
N ILE A 668 -9.69 16.12 -5.86
CA ILE A 668 -10.09 17.51 -5.66
C ILE A 668 -11.39 17.80 -6.40
N ILE A 669 -11.41 17.57 -7.71
CA ILE A 669 -12.58 17.90 -8.51
C ILE A 669 -13.80 17.12 -8.03
N GLY A 670 -13.62 15.82 -7.76
CA GLY A 670 -14.74 14.98 -7.35
C GLY A 670 -15.39 15.44 -6.07
N THR A 671 -14.60 15.58 -4.99
CA THR A 671 -15.19 15.87 -3.68
C THR A 671 -15.77 17.28 -3.61
N LEU A 672 -15.16 18.23 -4.32
CA LEU A 672 -15.68 19.60 -4.34
C LEU A 672 -16.92 19.71 -5.22
N GLN A 673 -16.94 18.98 -6.35
CA GLN A 673 -18.15 18.94 -7.17
C GLN A 673 -19.35 18.52 -6.36
N ASN A 674 -19.15 17.65 -5.37
CA ASN A 674 -20.22 17.17 -4.51
C ASN A 674 -20.41 18.01 -3.24
N SER A 675 -19.67 19.12 -3.11
CA SER A 675 -19.69 19.93 -1.90
C SER A 675 -20.36 21.26 -2.23
N ALA A 676 -21.55 21.48 -1.65
CA ALA A 676 -22.19 22.79 -1.76
C ALA A 676 -21.50 23.83 -0.89
N GLU A 677 -20.96 23.40 0.26
CA GLU A 677 -20.23 24.32 1.13
C GLU A 677 -19.06 24.94 0.40
N PHE A 678 -18.42 24.18 -0.48
CA PHE A 678 -17.35 24.74 -1.32
C PHE A 678 -17.90 25.81 -2.27
N SER A 679 -18.98 25.49 -2.98
CA SER A 679 -19.53 26.42 -3.96
C SER A 679 -20.05 27.68 -3.30
N GLU A 680 -20.42 27.61 -2.01
CA GLU A 680 -20.78 28.82 -1.28
C GLU A 680 -19.55 29.66 -0.99
N ALA A 681 -18.49 29.03 -0.48
CA ALA A 681 -17.28 29.76 -0.12
C ALA A 681 -16.70 30.51 -1.32
N PHE A 682 -16.86 29.97 -2.53
CA PHE A 682 -16.30 30.59 -3.73
C PHE A 682 -17.36 31.12 -4.68
N HIS A 683 -18.61 31.19 -4.24
CA HIS A 683 -19.70 31.79 -5.02
C HIS A 683 -19.69 31.26 -6.45
N CYS A 684 -19.75 29.94 -6.57
CA CYS A 684 -19.72 29.29 -7.86
C CYS A 684 -21.13 29.26 -8.46
N ARG A 685 -21.23 29.70 -9.72
CA ARG A 685 -22.51 29.71 -10.41
C ARG A 685 -22.94 28.29 -10.74
N LYS A 686 -24.26 28.08 -10.74
CA LYS A 686 -24.81 26.75 -10.93
C LYS A 686 -24.39 26.17 -12.27
N ASN A 687 -24.10 24.87 -12.28
CA ASN A 687 -23.69 24.13 -13.47
C ASN A 687 -22.36 24.62 -14.03
N SER A 688 -21.57 25.31 -13.21
CA SER A 688 -20.15 25.43 -13.51
C SER A 688 -19.47 24.09 -13.24
N TYR A 689 -18.28 23.92 -13.81
CA TYR A 689 -17.64 22.60 -13.73
C TYR A 689 -17.52 22.13 -12.30
N MET A 690 -17.19 23.03 -11.38
CA MET A 690 -16.98 22.67 -9.99
C MET A 690 -18.26 22.64 -9.17
N ASN A 691 -19.39 23.09 -9.72
CA ASN A 691 -20.66 23.15 -9.00
C ASN A 691 -21.77 22.55 -9.83
N PRO A 692 -21.66 21.27 -10.20
CA PRO A 692 -22.75 20.62 -10.94
C PRO A 692 -23.97 20.45 -10.05
N GLU A 693 -25.15 20.58 -10.66
CA GLU A 693 -26.39 20.45 -9.91
C GLU A 693 -26.50 19.08 -9.25
N LYS A 694 -26.11 18.03 -9.96
CA LYS A 694 -26.19 16.67 -9.41
C LYS A 694 -24.98 16.42 -8.53
N LYS A 695 -25.21 16.30 -7.23
CA LYS A 695 -24.14 16.10 -6.25
C LYS A 695 -24.35 14.76 -5.54
N CYS A 696 -23.28 13.98 -5.45
CA CYS A 696 -23.32 12.70 -4.74
C CYS A 696 -23.05 12.91 -3.26
N ARG A 697 -23.65 12.06 -2.43
CA ARG A 697 -23.33 12.06 -1.02
C ARG A 697 -23.69 10.71 -0.43
N VAL A 698 -22.83 10.23 0.48
CA VAL A 698 -23.10 9.03 1.27
C VAL A 698 -23.05 9.45 2.74
N TRP A 699 -21.84 9.69 3.24
CA TRP A 699 -21.65 10.10 4.63
C TRP A 699 -21.47 11.61 4.76
#